data_7ZBD
#
_entry.id   7ZBD
#
_cell.length_a   166.905
_cell.length_b   50.460
_cell.length_c   79.476
_cell.angle_alpha   90.000
_cell.angle_beta   117.740
_cell.angle_gamma   90.000
#
_symmetry.space_group_name_H-M   'C 1 2 1'
#
loop_
_entity.id
_entity.type
_entity.pdbx_description
1 polymer 'Haloalkane dehalogenase'
2 non-polymer GLYCEROL
3 non-polymer "(10R)-7-azanyl-N-[2-[2-(6-chloranylhexoxy)ethoxy]ethyl]-2'-cyano-5,5-dimethyl-3-(methylamino)-1'-oxidanylidene-spiro[benzo[b][1]benzosiline-10,3'-isoindole]-5'-carboxamide"
4 non-polymer 'CHLORIDE ION'
5 non-polymer [7-azanyl-10-[5-[2-[2-(6-chloranylhexoxy)ethoxy]ethylcarbamoyl]-2-(cyanocarbamoyl)phenyl]-5,5-dimethyl-benzo[b][1]benzosilin-3-ylidene]-methyl-azanium
6 water water
#
_entity_poly.entity_id   1
_entity_poly.type   'polypeptide(L)'
_entity_poly.pdbx_seq_one_letter_code
;MAEIGTGFPFDPHYVEVLGERMHYVDVGPRDGTPVLFLHGNPTSSYVWRNIIPHVAPTHRCIAPDLIGMGKSDKPDLGYF
FDDHVRFMDAFIEALGLEEVVLVIHDWGSALGFHWAKRNPERVKGIAFMEFIRPIPTWDEWPEFARETFQAFRTTDVGRK
LIIDQNVFIEGTLPMGVVRPLTEVEMDHYREPFLNPVDREPLWRFPNELPIAGEPANIVALVEEYMDWLHQSPVPKLLFW
GTPGVLIPPAEAARLAKSLPNCKAVDIGPGLNLLQEDNPDLIGSEIARWLSTLEISGHHHHHH
;
_entity_poly.pdbx_strand_id   A,B
#
loop_
_chem_comp.id
_chem_comp.type
_chem_comp.name
_chem_comp.formula
CL non-polymer 'CHLORIDE ION' 'Cl -1'
GOL non-polymer GLYCEROL 'C3 H8 O3'
ILQ non-polymer (10R)-7-azanyl-N-[2-[2-(6-chloranylhexoxy)ethoxy]ethyl]-2'-cyano-5,5-dimethyl-3-(methylamino)-1'-oxidanylidene-spiro[benzo[b][1]benzosiline-10,3'-isoindole]-5'-carboxamide 'C35 H42 Cl N5 O4 Si'
ILU non-polymer [7-azanyl-10-[5-[2-[2-(6-chloranylhexoxy)ethoxy]ethylcarbamoyl]-2-(cyanocarbamoyl)phenyl]-5,5-dimethyl-benzo[b][1]benzosilin-3-ylidene]-methyl-azanium 'C35 H43 Cl N5 O4 Si 1'
#
# COMPACT_ATOMS: atom_id res chain seq x y z
N ILE A 4 -3.24 -16.31 16.17
CA ILE A 4 -3.78 -15.00 15.87
C ILE A 4 -3.54 -14.68 14.40
N GLY A 5 -4.58 -14.20 13.71
CA GLY A 5 -4.48 -14.05 12.27
C GLY A 5 -3.67 -12.84 11.86
N THR A 6 -2.92 -12.97 10.77
CA THR A 6 -2.14 -11.88 10.21
C THR A 6 -2.78 -11.24 8.99
N GLY A 7 -3.87 -11.84 8.45
CA GLY A 7 -4.47 -11.31 7.25
C GLY A 7 -5.28 -10.05 7.48
N PHE A 8 -5.51 -9.33 6.39
CA PHE A 8 -6.38 -8.16 6.36
C PHE A 8 -7.25 -8.28 5.12
N PRO A 9 -8.38 -9.00 5.21
CA PRO A 9 -9.15 -9.29 3.98
C PRO A 9 -10.07 -8.17 3.48
N PHE A 10 -10.24 -7.09 4.25
CA PHE A 10 -11.31 -6.14 4.03
C PHE A 10 -11.14 -5.36 2.73
N ASP A 11 -12.25 -5.17 2.03
CA ASP A 11 -12.20 -4.33 0.85
C ASP A 11 -11.86 -2.90 1.24
N PRO A 12 -11.04 -2.21 0.45
CA PRO A 12 -10.76 -0.81 0.75
C PRO A 12 -11.96 0.05 0.46
N HIS A 13 -12.24 0.99 1.39
CA HIS A 13 -13.20 2.04 1.11
C HIS A 13 -12.50 3.36 1.36
N TYR A 14 -12.83 4.36 0.55
CA TYR A 14 -12.24 5.68 0.66
C TYR A 14 -13.34 6.74 0.66
N VAL A 15 -13.05 7.85 1.32
CA VAL A 15 -13.96 8.99 1.39
C VAL A 15 -13.10 10.25 1.41
N GLU A 16 -13.56 11.27 0.70
CA GLU A 16 -12.87 12.55 0.70
C GLU A 16 -13.23 13.32 1.96
N VAL A 17 -12.23 13.69 2.75
CA VAL A 17 -12.41 14.42 4.00
C VAL A 17 -11.52 15.66 3.95
N LEU A 18 -12.14 16.84 4.00
CA LEU A 18 -11.41 18.11 4.03
C LEU A 18 -10.38 18.15 2.90
N GLY A 19 -10.75 17.63 1.73
CA GLY A 19 -9.86 17.66 0.60
C GLY A 19 -8.83 16.54 0.52
N GLU A 20 -8.78 15.63 1.50
CA GLU A 20 -7.86 14.51 1.53
C GLU A 20 -8.63 13.21 1.42
N ARG A 21 -8.01 12.16 0.92
CA ARG A 21 -8.71 10.89 0.88
C ARG A 21 -8.36 10.10 2.14
N MET A 22 -9.39 9.66 2.87
CA MET A 22 -9.21 8.70 3.97
C MET A 22 -9.74 7.32 3.63
N HIS A 23 -9.00 6.31 4.08
CA HIS A 23 -9.37 4.91 3.92
C HIS A 23 -10.10 4.38 5.16
N TYR A 24 -11.05 3.48 4.93
CA TYR A 24 -11.66 2.85 6.08
C TYR A 24 -12.20 1.47 5.71
N VAL A 25 -12.24 0.57 6.72
CA VAL A 25 -12.98 -0.68 6.66
C VAL A 25 -14.46 -0.40 6.92
N ASP A 26 -15.32 -1.07 6.14
CA ASP A 26 -16.76 -0.99 6.34
C ASP A 26 -17.33 -2.37 6.02
N VAL A 27 -17.77 -3.09 7.05
CA VAL A 27 -18.37 -4.41 6.90
C VAL A 27 -19.57 -4.52 7.84
N GLY A 28 -20.26 -5.66 7.74
CA GLY A 28 -21.42 -5.91 8.56
C GLY A 28 -22.68 -5.37 7.94
N PRO A 29 -23.81 -5.64 8.59
CA PRO A 29 -25.11 -5.16 8.07
C PRO A 29 -25.11 -3.67 7.85
N ARG A 30 -25.86 -3.26 6.82
CA ARG A 30 -25.99 -1.84 6.49
C ARG A 30 -27.00 -1.12 7.39
N ASP A 31 -27.97 -1.85 7.93
CA ASP A 31 -28.93 -1.33 8.87
C ASP A 31 -28.32 -1.27 10.27
N GLY A 32 -28.97 -0.54 11.17
CA GLY A 32 -28.62 -0.64 12.56
C GLY A 32 -27.60 0.40 12.99
N THR A 33 -27.33 0.39 14.26
CA THR A 33 -26.34 1.31 14.80
C THR A 33 -24.94 0.81 14.45
N PRO A 34 -24.09 1.62 13.83
CA PRO A 34 -22.75 1.17 13.47
C PRO A 34 -21.80 1.20 14.67
N VAL A 35 -20.72 0.44 14.55
CA VAL A 35 -19.67 0.41 15.55
C VAL A 35 -18.42 1.02 14.94
N LEU A 36 -17.93 2.12 15.52
CA LEU A 36 -16.80 2.88 14.97
C LEU A 36 -15.55 2.54 15.78
N PHE A 37 -14.59 1.89 15.14
CA PHE A 37 -13.32 1.45 15.74
C PHE A 37 -12.23 2.50 15.46
N LEU A 38 -11.63 3.08 16.50
CA LEU A 38 -10.59 4.10 16.32
C LEU A 38 -9.25 3.64 16.88
N HIS A 39 -8.27 3.48 15.98
CA HIS A 39 -6.93 3.07 16.37
C HIS A 39 -6.11 4.27 16.83
N GLY A 40 -4.93 3.99 17.39
CA GLY A 40 -4.02 5.03 17.83
C GLY A 40 -2.65 4.91 17.20
N ASN A 41 -1.60 5.21 18.03
CA ASN A 41 -0.22 5.36 17.55
C ASN A 41 0.58 4.11 17.88
N PRO A 42 1.29 3.48 16.94
CA PRO A 42 1.49 3.80 15.51
C PRO A 42 0.76 2.80 14.62
N THR A 43 -0.50 2.53 14.92
CA THR A 43 -1.22 1.46 14.24
C THR A 43 -2.08 2.06 13.13
N SER A 44 -3.11 1.31 12.71
CA SER A 44 -4.06 1.61 11.63
C SER A 44 -5.26 0.70 11.86
N SER A 45 -6.23 0.72 10.95
CA SER A 45 -7.31 -0.24 11.07
C SER A 45 -6.81 -1.68 11.17
N TYR A 46 -5.54 -1.94 10.79
CA TYR A 46 -4.99 -3.28 10.91
C TYR A 46 -5.10 -3.82 12.34
N VAL A 47 -5.04 -2.93 13.33
CA VAL A 47 -5.03 -3.38 14.72
C VAL A 47 -6.38 -3.98 15.13
N TRP A 48 -7.42 -3.76 14.33
CA TRP A 48 -8.78 -4.23 14.58
C TRP A 48 -9.12 -5.50 13.78
N ARG A 49 -8.18 -5.97 12.95
CA ARG A 49 -8.47 -7.02 11.96
C ARG A 49 -9.04 -8.29 12.59
N ASN A 50 -8.63 -8.64 13.80
CA ASN A 50 -9.10 -9.87 14.43
C ASN A 50 -10.22 -9.62 15.43
N ILE A 51 -10.61 -8.37 15.61
CA ILE A 51 -11.70 -8.04 16.51
C ILE A 51 -13.02 -7.89 15.76
N ILE A 52 -12.99 -7.15 14.67
CA ILE A 52 -14.13 -6.88 13.82
C ILE A 52 -14.88 -8.15 13.38
N PRO A 53 -14.22 -9.23 12.99
CA PRO A 53 -14.95 -10.41 12.52
C PRO A 53 -15.86 -11.03 13.60
N HIS A 54 -15.62 -10.72 14.88
CA HIS A 54 -16.55 -11.10 15.93
C HIS A 54 -17.79 -10.24 15.99
N VAL A 55 -17.72 -9.02 15.45
CA VAL A 55 -18.79 -8.04 15.58
C VAL A 55 -19.59 -7.91 14.30
N ALA A 56 -18.89 -7.95 13.16
CA ALA A 56 -19.55 -7.74 11.88
C ALA A 56 -20.69 -8.71 11.56
N PRO A 57 -20.78 -9.93 12.11
CA PRO A 57 -21.98 -10.75 11.84
C PRO A 57 -23.27 -10.11 12.33
N THR A 58 -23.23 -9.28 13.41
CA THR A 58 -24.44 -8.70 13.95
C THR A 58 -24.50 -7.17 13.87
N HIS A 59 -23.38 -6.48 13.66
CA HIS A 59 -23.38 -5.02 13.62
C HIS A 59 -22.41 -4.49 12.58
N ARG A 60 -22.81 -3.41 11.92
CA ARG A 60 -21.89 -2.72 11.01
C ARG A 60 -20.63 -2.26 11.75
N CYS A 61 -19.47 -2.49 11.14
CA CYS A 61 -18.17 -2.11 11.69
C CYS A 61 -17.49 -1.13 10.74
N ILE A 62 -17.15 0.05 11.25
CA ILE A 62 -16.46 1.07 10.50
C ILE A 62 -15.12 1.34 11.18
N ALA A 63 -14.03 1.24 10.43
CA ALA A 63 -12.70 1.42 10.99
C ALA A 63 -11.86 2.29 10.07
N PRO A 64 -11.75 3.59 10.36
CA PRO A 64 -10.91 4.48 9.54
C PRO A 64 -9.44 4.40 9.89
N ASP A 65 -8.59 4.70 8.90
CA ASP A 65 -7.19 4.97 9.17
C ASP A 65 -7.06 6.46 9.42
N LEU A 66 -6.51 6.83 10.58
CA LEU A 66 -6.34 8.25 10.90
C LEU A 66 -5.59 8.95 9.77
N ILE A 67 -5.82 10.25 9.63
CA ILE A 67 -5.11 11.02 8.61
C ILE A 67 -3.61 10.85 8.82
N GLY A 68 -2.89 10.65 7.71
CA GLY A 68 -1.45 10.47 7.83
C GLY A 68 -1.03 9.06 8.20
N MET A 69 -1.97 8.13 8.25
CA MET A 69 -1.71 6.81 8.83
C MET A 69 -2.34 5.79 7.90
N GLY A 70 -1.92 4.54 8.06
CA GLY A 70 -2.60 3.45 7.33
C GLY A 70 -2.60 3.76 5.84
N LYS A 71 -3.77 3.58 5.21
CA LYS A 71 -3.93 3.84 3.79
C LYS A 71 -4.53 5.22 3.53
N SER A 72 -4.66 6.07 4.56
CA SER A 72 -5.16 7.42 4.35
C SER A 72 -4.07 8.33 3.81
N ASP A 73 -4.49 9.44 3.19
CA ASP A 73 -3.54 10.38 2.57
C ASP A 73 -2.66 11.01 3.64
N LYS A 74 -1.59 11.68 3.18
CA LYS A 74 -0.56 12.24 4.06
C LYS A 74 -0.38 13.72 3.79
N PRO A 75 -1.35 14.55 4.17
CA PRO A 75 -1.22 16.00 4.00
C PRO A 75 -0.06 16.53 4.83
N ASP A 76 0.45 17.69 4.42
CA ASP A 76 1.55 18.33 5.15
C ASP A 76 0.94 19.09 6.35
N LEU A 77 0.73 18.36 7.45
CA LEU A 77 0.23 18.93 8.69
C LEU A 77 1.22 18.72 9.82
N GLY A 78 1.03 19.43 10.94
CA GLY A 78 1.84 19.12 12.11
C GLY A 78 1.44 17.82 12.79
N TYR A 79 0.25 17.31 12.43
CA TYR A 79 -0.35 16.11 13.02
C TYR A 79 -0.52 16.25 14.54
N PHE A 80 -0.86 17.46 14.97
CA PHE A 80 -1.29 17.67 16.36
C PHE A 80 -2.59 16.91 16.62
N PHE A 81 -2.86 16.66 17.90
CA PHE A 81 -4.15 16.07 18.23
C PHE A 81 -5.28 16.87 17.59
N ASP A 82 -5.20 18.21 17.60
CA ASP A 82 -6.23 19.03 16.98
C ASP A 82 -6.40 18.77 15.49
N ASP A 83 -5.32 18.44 14.77
CA ASP A 83 -5.46 18.02 13.36
C ASP A 83 -6.30 16.74 13.26
N HIS A 84 -6.03 15.75 14.09
CA HIS A 84 -6.82 14.52 14.05
C HIS A 84 -8.28 14.78 14.41
N VAL A 85 -8.52 15.68 15.36
CA VAL A 85 -9.90 15.96 15.74
C VAL A 85 -10.66 16.52 14.54
N ARG A 86 -10.04 17.47 13.83
CA ARG A 86 -10.71 18.06 12.67
C ARG A 86 -11.02 17.00 11.61
N PHE A 87 -10.06 16.11 11.32
CA PHE A 87 -10.30 15.11 10.28
C PHE A 87 -11.32 14.04 10.72
N MET A 88 -11.23 13.58 11.97
CA MET A 88 -12.23 12.63 12.45
C MET A 88 -13.61 13.22 12.49
N ASP A 89 -13.74 14.48 12.95
CA ASP A 89 -15.04 15.13 12.91
C ASP A 89 -15.60 15.10 11.49
N ALA A 90 -14.75 15.49 10.52
CA ALA A 90 -15.20 15.59 9.13
C ALA A 90 -15.44 14.22 8.51
N PHE A 91 -14.68 13.20 8.94
CA PHE A 91 -14.92 11.84 8.46
C PHE A 91 -16.28 11.33 8.94
N ILE A 92 -16.58 11.55 10.21
CA ILE A 92 -17.83 11.04 10.75
C ILE A 92 -19.01 11.67 10.00
N GLU A 93 -18.91 12.97 9.69
CA GLU A 93 -19.99 13.65 8.98
C GLU A 93 -20.06 13.26 7.51
N ALA A 94 -18.90 13.05 6.87
CA ALA A 94 -18.87 12.56 5.48
C ALA A 94 -19.56 11.22 5.33
N LEU A 95 -19.47 10.36 6.34
CA LEU A 95 -20.20 9.09 6.26
C LEU A 95 -21.65 9.23 6.67
N GLY A 96 -22.08 10.42 7.10
CA GLY A 96 -23.47 10.59 7.48
C GLY A 96 -23.89 9.80 8.69
N LEU A 97 -22.96 9.47 9.57
CA LEU A 97 -23.31 8.73 10.77
C LEU A 97 -24.17 9.58 11.69
N GLU A 98 -25.09 8.93 12.40
CA GLU A 98 -25.99 9.61 13.30
C GLU A 98 -25.60 9.18 14.70
N GLU A 99 -26.23 8.17 15.27
CA GLU A 99 -25.77 7.55 16.52
C GLU A 99 -24.76 6.45 16.22
N VAL A 100 -23.83 6.22 17.16
CA VAL A 100 -22.73 5.27 16.98
C VAL A 100 -22.44 4.60 18.31
N VAL A 101 -21.80 3.44 18.23
CA VAL A 101 -21.10 2.84 19.35
C VAL A 101 -19.62 2.98 19.05
N LEU A 102 -18.83 3.41 20.04
CA LEU A 102 -17.39 3.61 19.90
C LEU A 102 -16.64 2.39 20.43
N VAL A 103 -15.60 1.98 19.71
CA VAL A 103 -14.61 1.02 20.20
C VAL A 103 -13.25 1.66 19.97
N ILE A 104 -12.54 2.03 21.04
CA ILE A 104 -11.45 2.99 20.90
C ILE A 104 -10.24 2.58 21.72
N HIS A 105 -9.06 3.04 21.28
CA HIS A 105 -7.78 2.60 21.83
C HIS A 105 -6.74 3.72 21.70
N ASP A 106 -5.97 3.94 22.76
CA ASP A 106 -4.81 4.83 22.69
C ASP A 106 -5.27 6.20 22.16
N TRP A 107 -4.63 6.77 21.13
CA TRP A 107 -5.06 8.09 20.66
C TRP A 107 -6.44 8.04 20.02
N GLY A 108 -6.84 6.88 19.48
CA GLY A 108 -8.22 6.74 19.04
C GLY A 108 -9.22 6.98 20.18
N SER A 109 -8.85 6.65 21.41
CA SER A 109 -9.78 6.87 22.54
C SER A 109 -9.87 8.34 22.90
N ALA A 110 -8.76 9.09 22.77
CA ALA A 110 -8.82 10.54 22.98
C ALA A 110 -9.74 11.17 21.95
N LEU A 111 -9.66 10.70 20.68
CA LEU A 111 -10.61 11.14 19.67
C LEU A 111 -12.05 10.78 20.05
N GLY A 112 -12.29 9.51 20.42
CA GLY A 112 -13.66 9.04 20.64
C GLY A 112 -14.28 9.68 21.87
N PHE A 113 -13.53 9.76 22.97
CA PHE A 113 -14.05 10.41 24.18
C PHE A 113 -14.32 11.89 23.96
N HIS A 114 -13.45 12.59 23.22
CA HIS A 114 -13.64 14.01 22.96
C HIS A 114 -14.83 14.25 22.03
N TRP A 115 -15.01 13.39 21.01
CA TRP A 115 -16.20 13.50 20.19
C TRP A 115 -17.46 13.21 21.02
N ALA A 116 -17.36 12.22 21.92
CA ALA A 116 -18.52 11.81 22.71
C ALA A 116 -18.98 12.95 23.62
N LYS A 117 -18.04 13.60 24.28
CA LYS A 117 -18.35 14.74 25.14
C LYS A 117 -19.12 15.84 24.38
N ARG A 118 -18.69 16.11 23.16
CA ARG A 118 -19.30 17.16 22.34
C ARG A 118 -20.59 16.71 21.66
N ASN A 119 -20.83 15.39 21.57
CA ASN A 119 -21.97 14.84 20.87
C ASN A 119 -22.62 13.73 21.71
N PRO A 120 -22.92 14.01 22.99
CA PRO A 120 -23.31 12.91 23.91
C PRO A 120 -24.56 12.16 23.49
N GLU A 121 -25.53 12.83 22.87
CA GLU A 121 -26.76 12.17 22.48
C GLU A 121 -26.55 11.18 21.34
N ARG A 122 -25.41 11.26 20.66
CA ARG A 122 -25.12 10.37 19.54
C ARG A 122 -24.28 9.16 19.90
N VAL A 123 -23.91 8.97 21.16
CA VAL A 123 -23.04 7.86 21.55
C VAL A 123 -23.87 6.90 22.39
N LYS A 124 -24.07 5.67 21.87
CA LYS A 124 -24.88 4.63 22.50
C LYS A 124 -24.07 3.68 23.38
N GLY A 125 -22.75 3.75 23.32
CA GLY A 125 -21.91 2.94 24.17
C GLY A 125 -20.47 3.19 23.83
N ILE A 126 -19.55 2.90 24.75
CA ILE A 126 -18.12 3.04 24.49
C ILE A 126 -17.42 1.84 25.07
N ALA A 127 -16.76 1.05 24.21
CA ALA A 127 -15.77 0.07 24.63
C ALA A 127 -14.38 0.68 24.44
N PHE A 128 -13.52 0.54 25.43
CA PHE A 128 -12.25 1.23 25.40
C PHE A 128 -11.24 0.39 26.13
N MET A 129 -9.97 0.65 25.81
CA MET A 129 -8.87 -0.17 26.31
C MET A 129 -7.61 0.66 26.15
N GLU A 130 -6.72 0.57 27.12
CA GLU A 130 -5.43 1.24 27.07
C GLU A 130 -5.56 2.65 26.48
N PHE A 131 -6.31 3.47 27.22
CA PHE A 131 -6.79 4.74 26.69
C PHE A 131 -6.04 5.90 27.34
N ILE A 132 -6.21 7.08 26.74
CA ILE A 132 -5.54 8.28 27.18
C ILE A 132 -6.29 8.88 28.38
N ARG A 133 -5.61 8.97 29.51
CA ARG A 133 -6.02 9.67 30.71
C ARG A 133 -4.87 10.55 31.14
N PRO A 134 -5.10 11.55 32.02
CA PRO A 134 -3.97 12.35 32.46
C PRO A 134 -3.02 11.50 33.30
N ILE A 135 -1.72 11.64 33.04
CA ILE A 135 -0.69 10.98 33.85
C ILE A 135 -0.05 12.06 34.71
N PRO A 136 -0.45 12.18 35.99
CA PRO A 136 -0.10 13.40 36.73
C PRO A 136 1.39 13.62 36.91
N THR A 137 2.18 12.55 37.09
CA THR A 137 3.62 12.64 37.25
C THR A 137 4.26 11.52 36.44
N TRP A 138 5.54 11.71 36.12
CA TRP A 138 6.25 10.63 35.41
C TRP A 138 6.27 9.33 36.22
N ASP A 139 6.02 9.39 37.54
CA ASP A 139 5.95 8.17 38.35
C ASP A 139 4.75 7.31 38.03
N GLU A 140 3.69 7.88 37.45
CA GLU A 140 2.53 7.10 37.05
C GLU A 140 2.68 6.56 35.64
N TRP A 141 3.78 6.88 35.00
CA TRP A 141 4.14 6.22 33.74
C TRP A 141 4.95 4.95 34.04
N PRO A 142 4.77 3.82 33.35
CA PRO A 142 5.53 2.61 33.72
C PRO A 142 7.03 2.87 33.69
N GLU A 143 7.72 2.37 34.74
CA GLU A 143 9.15 2.57 34.88
C GLU A 143 9.91 2.11 33.65
N PHE A 144 9.55 0.95 33.11
CA PHE A 144 10.27 0.38 31.99
C PHE A 144 10.23 1.29 30.77
N ALA A 145 9.25 2.16 30.68
CA ALA A 145 8.98 2.97 29.50
C ALA A 145 9.29 4.44 29.72
N ARG A 146 9.81 4.80 30.90
CA ARG A 146 9.92 6.21 31.31
C ARG A 146 11.02 6.94 30.54
N GLU A 147 12.25 6.45 30.62
CA GLU A 147 13.35 7.12 29.92
C GLU A 147 13.10 7.18 28.42
N THR A 148 12.56 6.09 27.84
CA THR A 148 12.21 6.09 26.42
C THR A 148 11.28 7.25 26.07
N PHE A 149 10.18 7.42 26.82
CA PHE A 149 9.18 8.40 26.42
C PHE A 149 9.62 9.84 26.74
N GLN A 150 10.42 10.01 27.79
CA GLN A 150 11.06 11.28 28.03
C GLN A 150 11.92 11.70 26.85
N ALA A 151 12.65 10.75 26.25
CA ALA A 151 13.49 11.09 25.11
C ALA A 151 12.66 11.35 23.88
N PHE A 152 11.56 10.61 23.71
CA PHE A 152 10.65 10.86 22.59
C PHE A 152 10.14 12.30 22.61
N ARG A 153 9.90 12.83 23.82
CA ARG A 153 9.28 14.14 23.98
C ARG A 153 10.29 15.30 23.94
N THR A 154 11.18 15.23 22.94
CA THR A 154 12.18 16.25 22.64
C THR A 154 12.25 16.42 21.13
N THR A 155 12.70 17.62 20.70
CA THR A 155 12.84 17.86 19.26
C THR A 155 14.07 17.16 18.70
N ASP A 156 15.21 17.31 19.34
CA ASP A 156 16.41 16.74 18.75
C ASP A 156 16.43 15.22 18.92
N VAL A 157 16.54 14.77 20.16
CA VAL A 157 16.66 13.32 20.38
C VAL A 157 15.41 12.61 19.87
N GLY A 158 14.21 13.16 20.14
CA GLY A 158 12.98 12.44 19.85
C GLY A 158 12.75 12.23 18.36
N ARG A 159 13.08 13.24 17.55
CA ARG A 159 12.93 13.10 16.11
C ARG A 159 13.98 12.19 15.52
N LYS A 160 15.17 12.15 16.11
CA LYS A 160 16.18 11.25 15.59
C LYS A 160 15.79 9.81 15.87
N LEU A 161 15.22 9.55 17.05
CA LEU A 161 14.74 8.21 17.35
C LEU A 161 13.54 7.83 16.50
N ILE A 162 12.52 8.68 16.47
CA ILE A 162 11.25 8.28 15.89
C ILE A 162 11.24 8.47 14.38
N ILE A 163 11.79 9.57 13.88
CA ILE A 163 11.73 9.83 12.45
C ILE A 163 12.92 9.22 11.73
N ASP A 164 14.15 9.48 12.19
CA ASP A 164 15.31 8.96 11.46
C ASP A 164 15.48 7.46 11.65
N GLN A 165 15.32 6.96 12.88
CA GLN A 165 15.51 5.54 13.15
C GLN A 165 14.23 4.70 13.12
N ASN A 166 13.05 5.32 13.02
CA ASN A 166 11.76 4.61 12.98
C ASN A 166 11.52 3.75 14.25
N VAL A 167 11.99 4.24 15.39
CA VAL A 167 11.95 3.53 16.67
C VAL A 167 10.52 3.30 17.19
N PHE A 168 9.57 4.12 16.80
CA PHE A 168 8.22 3.87 17.31
C PHE A 168 7.63 2.62 16.66
N ILE A 169 8.05 2.33 15.42
CA ILE A 169 7.59 1.13 14.72
C ILE A 169 8.45 -0.08 15.10
N GLU A 170 9.77 0.09 15.12
CA GLU A 170 10.65 -1.06 15.30
C GLU A 170 10.88 -1.39 16.77
N GLY A 171 10.59 -0.46 17.69
CA GLY A 171 10.77 -0.74 19.11
C GLY A 171 9.49 -0.60 19.92
N THR A 172 8.91 0.60 19.94
CA THR A 172 7.75 0.83 20.81
C THR A 172 6.62 -0.13 20.49
N LEU A 173 6.34 -0.35 19.20
CA LEU A 173 5.22 -1.19 18.82
C LEU A 173 5.35 -2.62 19.35
N PRO A 174 6.41 -3.38 19.02
CA PRO A 174 6.55 -4.72 19.62
C PRO A 174 6.71 -4.70 21.13
N MET A 175 7.29 -3.62 21.70
CA MET A 175 7.32 -3.50 23.16
C MET A 175 5.97 -3.21 23.73
N GLY A 176 4.96 -2.93 22.91
CA GLY A 176 3.60 -2.76 23.39
C GLY A 176 2.75 -4.01 23.30
N VAL A 177 3.35 -5.14 22.94
CA VAL A 177 2.65 -6.43 22.79
C VAL A 177 3.41 -7.48 23.60
N VAL A 178 2.69 -8.26 24.39
CA VAL A 178 3.35 -9.28 25.22
C VAL A 178 3.88 -10.43 24.34
N ARG A 179 3.02 -11.01 23.53
CA ARG A 179 3.46 -12.05 22.60
C ARG A 179 4.36 -11.44 21.50
N PRO A 180 5.16 -12.25 20.82
CA PRO A 180 5.99 -11.73 19.72
C PRO A 180 5.14 -11.44 18.49
N LEU A 181 5.29 -10.26 17.92
CA LEU A 181 4.69 -9.99 16.63
C LEU A 181 5.50 -10.68 15.53
N THR A 182 4.81 -11.20 14.52
CA THR A 182 5.43 -11.88 13.40
C THR A 182 5.95 -10.91 12.35
N GLU A 183 6.77 -11.44 11.42
CA GLU A 183 7.32 -10.57 10.40
C GLU A 183 6.22 -9.99 9.51
N VAL A 184 5.19 -10.80 9.19
CA VAL A 184 4.09 -10.29 8.38
C VAL A 184 3.37 -9.16 9.11
N GLU A 185 3.10 -9.36 10.41
CA GLU A 185 2.42 -8.31 11.19
C GLU A 185 3.27 -7.04 11.25
N MET A 186 4.57 -7.17 11.55
CA MET A 186 5.43 -5.99 11.49
C MET A 186 5.39 -5.32 10.12
N ASP A 187 5.44 -6.09 9.04
CA ASP A 187 5.45 -5.44 7.74
C ASP A 187 4.15 -4.68 7.50
N HIS A 188 3.03 -5.19 8.02
CA HIS A 188 1.76 -4.46 7.87
C HIS A 188 1.83 -3.13 8.65
N TYR A 189 2.45 -3.14 9.81
CA TYR A 189 2.55 -1.87 10.55
C TYR A 189 3.59 -0.92 9.94
N ARG A 190 4.63 -1.49 9.29
CA ARG A 190 5.68 -0.67 8.67
C ARG A 190 5.18 0.04 7.44
N GLU A 191 4.24 -0.57 6.72
CA GLU A 191 3.91 -0.15 5.35
C GLU A 191 3.67 1.34 5.19
N PRO A 192 2.94 2.03 6.07
CA PRO A 192 2.61 3.44 5.80
C PRO A 192 3.79 4.37 6.07
N PHE A 193 4.86 3.87 6.64
CA PHE A 193 5.94 4.71 7.14
C PHE A 193 7.30 4.35 6.55
N LEU A 194 7.33 3.65 5.41
CA LEU A 194 8.61 3.29 4.81
C LEU A 194 9.48 4.51 4.53
N ASN A 195 8.86 5.61 4.13
CA ASN A 195 9.53 6.91 3.93
C ASN A 195 9.68 7.70 5.22
N PRO A 196 10.91 8.07 5.63
CA PRO A 196 11.07 8.85 6.87
C PRO A 196 10.29 10.17 6.91
N VAL A 197 10.08 10.83 5.75
CA VAL A 197 9.32 12.08 5.75
C VAL A 197 7.87 11.89 6.17
N ASP A 198 7.35 10.65 6.14
CA ASP A 198 5.95 10.39 6.47
C ASP A 198 5.71 10.05 7.94
N ARG A 199 6.74 10.16 8.78
CA ARG A 199 6.68 9.69 10.17
C ARG A 199 6.35 10.78 11.16
N GLU A 200 6.00 11.97 10.69
CA GLU A 200 5.66 13.06 11.63
C GLU A 200 4.60 12.66 12.64
N PRO A 201 3.49 12.00 12.28
CA PRO A 201 2.49 11.69 13.32
C PRO A 201 3.04 10.80 14.40
N LEU A 202 3.97 9.90 14.07
CA LEU A 202 4.55 9.00 15.05
C LEU A 202 5.31 9.78 16.12
N TRP A 203 5.89 10.91 15.74
CA TRP A 203 6.63 11.72 16.71
C TRP A 203 5.72 12.75 17.40
N ARG A 204 4.81 13.40 16.68
CA ARG A 204 4.00 14.40 17.38
C ARG A 204 3.06 13.74 18.39
N PHE A 205 2.59 12.52 18.14
CA PHE A 205 1.66 11.91 19.10
C PHE A 205 2.25 11.78 20.50
N PRO A 206 3.44 11.19 20.70
CA PRO A 206 3.91 11.09 22.09
C PRO A 206 4.24 12.42 22.73
N ASN A 207 4.53 13.45 21.92
CA ASN A 207 4.71 14.80 22.41
C ASN A 207 3.40 15.46 22.82
N GLU A 208 2.27 14.89 22.43
CA GLU A 208 0.95 15.33 22.84
C GLU A 208 0.42 14.60 24.07
N LEU A 209 1.10 13.54 24.55
CA LEU A 209 0.57 12.76 25.65
C LEU A 209 0.46 13.65 26.89
N PRO A 210 -0.63 13.55 27.66
CA PRO A 210 -0.83 14.44 28.85
C PRO A 210 -0.09 13.88 30.06
N ILE A 211 1.19 14.22 30.17
CA ILE A 211 2.06 13.64 31.19
C ILE A 211 2.69 14.76 32.01
N ALA A 212 2.55 14.68 33.33
CA ALA A 212 3.16 15.67 34.24
C ALA A 212 2.74 17.09 33.89
N GLY A 213 1.49 17.25 33.46
CA GLY A 213 0.92 18.56 33.25
C GLY A 213 1.15 19.20 31.89
N GLU A 214 1.86 18.53 30.96
CA GLU A 214 2.26 19.09 29.68
C GLU A 214 2.02 18.10 28.55
N PRO A 215 1.53 18.54 27.38
CA PRO A 215 1.05 19.91 27.12
C PRO A 215 -0.28 20.17 27.82
N ALA A 216 -0.37 21.33 28.47
CA ALA A 216 -1.47 21.60 29.38
C ALA A 216 -2.81 21.69 28.65
N ASN A 217 -2.80 22.03 27.37
CA ASN A 217 -4.05 22.04 26.61
C ASN A 217 -4.60 20.63 26.40
N ILE A 218 -3.73 19.64 26.14
CA ILE A 218 -4.19 18.26 26.05
C ILE A 218 -4.63 17.78 27.44
N VAL A 219 -3.84 18.05 28.47
CA VAL A 219 -4.23 17.67 29.81
C VAL A 219 -5.64 18.15 30.10
N ALA A 220 -5.91 19.43 29.79
CA ALA A 220 -7.23 19.97 30.08
C ALA A 220 -8.32 19.30 29.25
N LEU A 221 -8.08 19.05 27.96
CA LEU A 221 -9.11 18.42 27.15
C LEU A 221 -9.43 17.01 27.65
N VAL A 222 -8.39 16.27 28.05
CA VAL A 222 -8.55 14.90 28.53
C VAL A 222 -9.25 14.90 29.88
N GLU A 223 -8.85 15.83 30.76
CA GLU A 223 -9.59 16.01 32.01
C GLU A 223 -11.06 16.25 31.75
N GLU A 224 -11.40 17.05 30.74
CA GLU A 224 -12.81 17.35 30.51
C GLU A 224 -13.59 16.13 30.06
N TYR A 225 -13.03 15.32 29.14
CA TYR A 225 -13.82 14.17 28.73
C TYR A 225 -13.82 13.07 29.79
N MET A 226 -12.81 13.01 30.67
CA MET A 226 -12.92 12.06 31.78
C MET A 226 -13.99 12.50 32.77
N ASP A 227 -14.07 13.80 33.00
CA ASP A 227 -15.12 14.32 33.87
C ASP A 227 -16.49 14.07 33.26
N TRP A 228 -16.60 14.26 31.93
CA TRP A 228 -17.83 13.89 31.23
C TRP A 228 -18.13 12.39 31.40
N LEU A 229 -17.13 11.55 31.19
CA LEU A 229 -17.36 10.11 31.23
C LEU A 229 -17.83 9.66 32.62
N HIS A 230 -17.18 10.18 33.67
CA HIS A 230 -17.55 9.90 35.06
C HIS A 230 -19.02 10.22 35.36
N GLN A 231 -19.60 11.21 34.67
CA GLN A 231 -20.96 11.64 34.97
C GLN A 231 -21.97 11.19 33.93
N SER A 232 -21.54 10.43 32.91
CA SER A 232 -22.43 10.07 31.83
C SER A 232 -23.04 8.69 32.11
N PRO A 233 -24.32 8.51 31.79
CA PRO A 233 -24.95 7.19 31.92
C PRO A 233 -24.62 6.25 30.79
N VAL A 234 -23.78 6.65 29.85
CA VAL A 234 -23.59 5.81 28.65
C VAL A 234 -23.04 4.44 29.06
N PRO A 235 -23.47 3.33 28.42
CA PRO A 235 -22.84 2.02 28.69
C PRO A 235 -21.34 2.03 28.39
N LYS A 236 -20.57 1.41 29.27
CA LYS A 236 -19.11 1.45 29.19
C LYS A 236 -18.54 0.05 29.34
N LEU A 237 -17.61 -0.32 28.44
CA LEU A 237 -16.93 -1.63 28.47
C LEU A 237 -15.43 -1.34 28.47
N LEU A 238 -14.75 -1.71 29.54
CA LEU A 238 -13.33 -1.42 29.70
C LEU A 238 -12.56 -2.75 29.66
N PHE A 239 -11.63 -2.87 28.71
CA PHE A 239 -10.72 -4.01 28.67
C PHE A 239 -9.36 -3.59 29.23
N TRP A 240 -8.75 -4.47 30.00
CA TRP A 240 -7.46 -4.17 30.60
C TRP A 240 -6.60 -5.43 30.69
N GLY A 241 -5.29 -5.22 30.78
CA GLY A 241 -4.34 -6.32 30.85
C GLY A 241 -3.31 -6.09 31.95
N THR A 242 -2.53 -7.13 32.20
CA THR A 242 -1.43 -7.02 33.16
C THR A 242 -0.09 -7.16 32.43
N PRO A 243 0.85 -6.21 32.59
CA PRO A 243 0.79 -5.03 33.49
C PRO A 243 0.16 -3.79 32.89
N GLY A 244 -0.26 -3.83 31.62
CA GLY A 244 -0.69 -2.65 30.90
C GLY A 244 0.43 -1.64 30.66
N VAL A 245 0.04 -0.49 30.11
CA VAL A 245 0.96 0.64 29.92
C VAL A 245 0.25 1.93 30.35
N LEU A 246 -0.76 2.37 29.59
CA LEU A 246 -1.53 3.54 29.98
C LEU A 246 -2.47 3.24 31.16
N ILE A 247 -2.97 2.02 31.29
CA ILE A 247 -3.94 1.68 32.34
C ILE A 247 -3.42 0.48 33.13
N PRO A 248 -2.66 0.68 34.20
CA PRO A 248 -2.22 -0.46 35.02
C PRO A 248 -3.42 -1.10 35.72
N PRO A 249 -3.29 -2.34 36.19
CA PRO A 249 -4.48 -3.01 36.76
C PRO A 249 -5.10 -2.29 37.94
N ALA A 250 -4.31 -1.58 38.75
CA ALA A 250 -4.91 -0.83 39.87
C ALA A 250 -5.76 0.33 39.39
N GLU A 251 -5.37 0.94 38.26
CA GLU A 251 -6.19 2.00 37.68
C GLU A 251 -7.44 1.43 37.04
N ALA A 252 -7.33 0.29 36.35
CA ALA A 252 -8.50 -0.36 35.80
C ALA A 252 -9.50 -0.69 36.91
N ALA A 253 -9.01 -1.15 38.06
CA ALA A 253 -9.91 -1.50 39.16
C ALA A 253 -10.62 -0.26 39.70
N ARG A 254 -9.86 0.81 39.91
CA ARG A 254 -10.42 2.09 40.34
C ARG A 254 -11.49 2.58 39.37
N LEU A 255 -11.22 2.51 38.06
CA LEU A 255 -12.17 3.02 37.08
C LEU A 255 -13.41 2.15 36.99
N ALA A 256 -13.22 0.84 37.12
CA ALA A 256 -14.37 -0.06 37.09
C ALA A 256 -15.34 0.27 38.20
N LYS A 257 -14.84 0.74 39.34
CA LYS A 257 -15.76 1.17 40.39
C LYS A 257 -16.27 2.59 40.17
N SER A 258 -15.40 3.51 39.73
CA SER A 258 -15.80 4.91 39.69
C SER A 258 -16.65 5.25 38.47
N LEU A 259 -16.47 4.57 37.35
CA LEU A 259 -17.25 4.91 36.16
C LEU A 259 -18.63 4.25 36.25
N PRO A 260 -19.71 4.99 36.02
CA PRO A 260 -21.04 4.39 36.11
C PRO A 260 -21.30 3.53 34.90
N ASN A 261 -22.14 2.50 35.10
CA ASN A 261 -22.58 1.65 34.01
CA ASN A 261 -22.58 1.61 34.03
C ASN A 261 -21.39 1.01 33.27
N CYS A 262 -20.38 0.61 34.03
CA CYS A 262 -19.13 0.06 33.50
C CYS A 262 -18.95 -1.41 33.83
N LYS A 263 -18.72 -2.20 32.79
CA LYS A 263 -18.24 -3.58 32.88
C LYS A 263 -16.77 -3.59 32.54
N ALA A 264 -15.94 -4.21 33.38
CA ALA A 264 -14.52 -4.30 33.10
C ALA A 264 -14.14 -5.75 32.79
N VAL A 265 -13.27 -5.94 31.80
CA VAL A 265 -12.90 -7.29 31.38
C VAL A 265 -11.38 -7.42 31.43
N ASP A 266 -10.90 -8.38 32.22
CA ASP A 266 -9.48 -8.74 32.32
C ASP A 266 -9.13 -9.64 31.12
N ILE A 267 -8.29 -9.13 30.20
CA ILE A 267 -7.90 -9.93 29.04
C ILE A 267 -6.69 -10.80 29.30
N GLY A 268 -6.12 -10.78 30.51
CA GLY A 268 -4.92 -11.54 30.79
C GLY A 268 -3.69 -10.70 30.56
N PRO A 269 -2.58 -11.30 30.12
CA PRO A 269 -1.36 -10.51 29.92
C PRO A 269 -1.59 -9.52 28.80
N GLY A 270 -1.11 -8.29 29.01
CA GLY A 270 -1.18 -7.28 27.95
C GLY A 270 -0.35 -6.07 28.30
N LEU A 271 0.07 -5.32 27.27
CA LEU A 271 0.80 -4.08 27.48
C LEU A 271 -0.07 -2.96 26.92
N ASN A 272 0.16 -2.49 25.70
CA ASN A 272 -0.66 -1.43 25.11
C ASN A 272 -1.60 -1.93 24.04
N LEU A 273 -1.10 -2.72 23.07
CA LEU A 273 -1.96 -3.22 22.00
C LEU A 273 -2.65 -4.51 22.46
N LEU A 274 -3.63 -4.36 23.37
CA LEU A 274 -4.33 -5.53 23.89
C LEU A 274 -4.91 -6.38 22.77
N GLN A 275 -5.32 -5.74 21.68
CA GLN A 275 -5.89 -6.43 20.53
C GLN A 275 -4.96 -7.50 20.00
N GLU A 276 -3.65 -7.35 20.20
CA GLU A 276 -2.69 -8.29 19.65
C GLU A 276 -2.41 -9.44 20.61
N ASP A 277 -2.83 -9.33 21.87
CA ASP A 277 -2.59 -10.36 22.87
C ASP A 277 -3.82 -11.23 23.09
N ASN A 278 -5.02 -10.67 23.03
CA ASN A 278 -6.24 -11.46 23.22
C ASN A 278 -7.38 -10.93 22.37
N PRO A 279 -7.23 -10.98 21.04
CA PRO A 279 -8.32 -10.50 20.16
C PRO A 279 -9.61 -11.30 20.30
N ASP A 280 -9.52 -12.62 20.53
CA ASP A 280 -10.75 -13.43 20.62
C ASP A 280 -11.63 -13.00 21.78
N LEU A 281 -11.05 -12.72 22.94
CA LEU A 281 -11.86 -12.33 24.09
C LEU A 281 -12.42 -10.93 23.89
N ILE A 282 -11.60 -10.02 23.39
CA ILE A 282 -12.05 -8.65 23.21
C ILE A 282 -13.17 -8.63 22.17
N GLY A 283 -13.01 -9.36 21.06
CA GLY A 283 -14.06 -9.32 20.05
C GLY A 283 -15.36 -9.97 20.51
N SER A 284 -15.26 -11.17 21.11
CA SER A 284 -16.47 -11.87 21.56
C SER A 284 -17.16 -11.13 22.70
N GLU A 285 -16.37 -10.55 23.63
CA GLU A 285 -16.96 -9.78 24.71
C GLU A 285 -17.64 -8.52 24.19
N ILE A 286 -17.07 -7.89 23.17
CA ILE A 286 -17.76 -6.74 22.57
C ILE A 286 -19.07 -7.18 21.93
N ALA A 287 -19.02 -8.26 21.14
CA ALA A 287 -20.27 -8.69 20.51
C ALA A 287 -21.33 -9.01 21.56
N ARG A 288 -20.94 -9.63 22.67
CA ARG A 288 -21.91 -9.95 23.72
C ARG A 288 -22.44 -8.67 24.37
N TRP A 289 -21.54 -7.75 24.70
CA TRP A 289 -21.96 -6.47 25.28
C TRP A 289 -22.91 -5.73 24.35
N LEU A 290 -22.60 -5.70 23.05
CA LEU A 290 -23.48 -5.03 22.10
C LEU A 290 -24.89 -5.61 22.16
N SER A 291 -24.99 -6.93 22.24
CA SER A 291 -26.30 -7.56 22.24
C SER A 291 -27.10 -7.21 23.48
N THR A 292 -26.47 -6.66 24.51
CA THR A 292 -27.21 -6.15 25.65
C THR A 292 -27.62 -4.70 25.51
N LEU A 293 -27.21 -3.99 24.47
CA LEU A 293 -27.44 -2.55 24.42
C LEU A 293 -28.72 -2.24 23.68
N GLU A 294 -29.29 -1.06 23.99
CA GLU A 294 -30.50 -0.57 23.35
C GLU A 294 -30.10 0.11 22.04
N ILE A 295 -29.93 -0.70 21.00
CA ILE A 295 -29.49 -0.21 19.69
C ILE A 295 -30.13 -1.01 18.57
N ILE B 4 24.80 -0.61 -9.22
CA ILE B 4 23.55 -0.22 -9.86
C ILE B 4 22.63 0.39 -8.80
N GLY B 5 22.04 1.55 -9.10
CA GLY B 5 21.34 2.30 -8.06
C GLY B 5 20.12 1.56 -7.53
N THR B 6 19.98 1.56 -6.20
CA THR B 6 18.83 0.91 -5.56
C THR B 6 17.72 1.88 -5.16
N GLY B 7 17.97 3.20 -5.15
CA GLY B 7 16.96 4.15 -4.72
C GLY B 7 15.99 4.52 -5.84
N PHE B 8 14.94 5.23 -5.46
CA PHE B 8 13.91 5.67 -6.39
C PHE B 8 13.67 7.15 -6.18
N PRO B 9 14.51 8.00 -6.73
CA PRO B 9 14.50 9.43 -6.37
C PRO B 9 13.59 10.26 -7.29
N PHE B 10 12.32 9.90 -7.33
CA PHE B 10 11.38 10.58 -8.21
C PHE B 10 10.20 11.03 -7.37
N ASP B 11 9.84 12.29 -7.49
CA ASP B 11 8.65 12.78 -6.82
C ASP B 11 7.43 12.01 -7.32
N PRO B 12 6.54 11.58 -6.43
CA PRO B 12 5.32 10.90 -6.89
C PRO B 12 4.29 11.85 -7.49
N HIS B 13 3.64 11.40 -8.56
CA HIS B 13 2.52 12.10 -9.17
C HIS B 13 1.36 11.13 -9.29
N TYR B 14 0.14 11.67 -9.18
CA TYR B 14 -1.07 10.87 -9.25
C TYR B 14 -2.06 11.55 -10.20
N VAL B 15 -2.69 10.77 -11.07
CA VAL B 15 -3.79 11.30 -11.87
C VAL B 15 -4.97 10.37 -11.70
N GLU B 16 -6.17 10.95 -11.66
CA GLU B 16 -7.36 10.11 -11.62
C GLU B 16 -7.65 9.52 -13.00
N VAL B 17 -7.81 8.21 -13.05
CA VAL B 17 -8.06 7.47 -14.29
C VAL B 17 -9.22 6.51 -14.05
N LEU B 18 -10.33 6.72 -14.77
CA LEU B 18 -11.54 5.90 -14.62
C LEU B 18 -11.89 5.75 -13.14
N GLY B 19 -11.77 6.86 -12.41
CA GLY B 19 -12.14 6.88 -11.00
C GLY B 19 -11.16 6.20 -10.06
N GLU B 20 -9.91 6.04 -10.47
CA GLU B 20 -8.87 5.32 -9.75
C GLU B 20 -7.59 6.14 -9.81
N ARG B 21 -6.84 6.18 -8.71
CA ARG B 21 -5.56 6.89 -8.69
C ARG B 21 -4.49 6.05 -9.42
N MET B 22 -3.80 6.65 -10.38
CA MET B 22 -2.63 6.01 -11.00
C MET B 22 -1.38 6.83 -10.70
N HIS B 23 -0.35 6.17 -10.20
CA HIS B 23 0.92 6.81 -9.88
C HIS B 23 1.82 6.81 -11.11
N TYR B 24 2.66 7.84 -11.22
CA TYR B 24 3.59 7.94 -12.35
C TYR B 24 4.73 8.89 -12.02
N VAL B 25 5.90 8.54 -12.53
CA VAL B 25 7.06 9.43 -12.59
C VAL B 25 6.87 10.43 -13.72
N ASP B 26 7.29 11.68 -13.50
CA ASP B 26 7.24 12.69 -14.56
C ASP B 26 8.41 13.64 -14.37
N VAL B 27 9.44 13.48 -15.19
CA VAL B 27 10.61 14.35 -15.13
C VAL B 27 10.92 14.84 -16.53
N GLY B 28 11.90 15.75 -16.58
CA GLY B 28 12.43 16.20 -17.84
C GLY B 28 11.65 17.35 -18.46
N PRO B 29 12.14 17.88 -19.58
CA PRO B 29 11.56 19.11 -20.15
C PRO B 29 10.10 18.94 -20.55
N ARG B 30 9.42 20.09 -20.61
CA ARG B 30 8.00 20.14 -20.90
C ARG B 30 7.68 20.18 -22.39
N ASP B 31 8.63 20.56 -23.23
CA ASP B 31 8.36 20.70 -24.65
C ASP B 31 8.85 19.47 -25.42
N GLY B 32 8.43 19.37 -26.64
CA GLY B 32 8.85 18.25 -27.44
C GLY B 32 8.04 17.00 -27.16
N THR B 33 8.57 15.89 -27.65
CA THR B 33 7.84 14.64 -27.65
C THR B 33 8.13 13.89 -26.36
N PRO B 34 7.12 13.52 -25.58
CA PRO B 34 7.37 12.77 -24.36
C PRO B 34 7.74 11.31 -24.65
N VAL B 35 8.51 10.75 -23.73
CA VAL B 35 8.90 9.33 -23.75
C VAL B 35 8.11 8.61 -22.66
N LEU B 36 7.31 7.62 -23.07
CA LEU B 36 6.41 6.91 -22.16
C LEU B 36 6.97 5.51 -21.87
N PHE B 37 7.35 5.27 -20.60
CA PHE B 37 7.96 4.02 -20.15
C PHE B 37 6.89 3.12 -19.56
N LEU B 38 6.70 1.92 -20.12
CA LEU B 38 5.68 1.00 -19.63
C LEU B 38 6.33 -0.30 -19.12
N HIS B 39 6.21 -0.55 -17.79
CA HIS B 39 6.64 -1.78 -17.12
C HIS B 39 5.65 -2.94 -17.33
N GLY B 40 6.02 -4.16 -16.87
CA GLY B 40 5.18 -5.34 -16.94
C GLY B 40 5.08 -6.05 -15.60
N ASN B 41 5.10 -7.38 -15.66
CA ASN B 41 4.84 -8.23 -14.50
C ASN B 41 6.14 -8.81 -13.96
N PRO B 42 6.45 -8.72 -12.65
CA PRO B 42 5.69 -8.16 -11.54
C PRO B 42 6.31 -6.85 -11.05
N THR B 43 6.69 -5.98 -11.98
CA THR B 43 7.47 -4.80 -11.67
C THR B 43 6.58 -3.57 -11.50
N SER B 44 7.19 -2.40 -11.54
CA SER B 44 6.54 -1.09 -11.51
C SER B 44 7.49 -0.11 -12.18
N SER B 45 7.20 1.20 -12.03
CA SER B 45 8.10 2.22 -12.56
C SER B 45 9.49 2.08 -11.96
N TYR B 46 9.61 1.39 -10.83
CA TYR B 46 10.93 1.12 -10.24
C TYR B 46 11.87 0.45 -11.24
N VAL B 47 11.34 -0.41 -12.13
CA VAL B 47 12.21 -1.09 -13.08
C VAL B 47 12.90 -0.10 -14.03
N TRP B 48 12.39 1.13 -14.14
CA TRP B 48 12.97 2.14 -15.03
C TRP B 48 13.85 3.17 -14.33
N ARG B 49 14.14 2.97 -13.03
CA ARG B 49 14.73 4.04 -12.21
C ARG B 49 16.14 4.42 -12.66
N ASN B 50 16.87 3.50 -13.28
CA ASN B 50 18.24 3.72 -13.70
C ASN B 50 18.35 3.94 -15.17
N ILE B 51 17.22 3.88 -15.88
CA ILE B 51 17.15 4.23 -17.29
C ILE B 51 16.78 5.71 -17.47
N ILE B 52 15.75 6.13 -16.77
CA ILE B 52 15.15 7.44 -16.97
C ILE B 52 16.19 8.55 -16.82
N PRO B 53 17.16 8.46 -15.89
CA PRO B 53 18.14 9.57 -15.77
C PRO B 53 18.95 9.79 -17.04
N HIS B 54 19.03 8.79 -17.92
CA HIS B 54 19.75 9.00 -19.16
C HIS B 54 18.95 9.84 -20.15
N VAL B 55 17.62 9.78 -20.06
CA VAL B 55 16.73 10.37 -21.05
C VAL B 55 16.26 11.76 -20.62
N ALA B 56 15.96 11.92 -19.34
CA ALA B 56 15.36 13.13 -18.76
C ALA B 56 16.07 14.44 -19.09
N PRO B 57 17.38 14.43 -19.37
CA PRO B 57 18.04 15.70 -19.71
C PRO B 57 17.51 16.32 -20.99
N THR B 58 17.03 15.49 -21.92
CA THR B 58 16.61 15.96 -23.22
C THR B 58 15.14 15.76 -23.51
N HIS B 59 14.45 14.88 -22.77
CA HIS B 59 13.09 14.47 -23.06
C HIS B 59 12.29 14.26 -21.78
N ARG B 60 11.03 14.67 -21.81
CA ARG B 60 10.12 14.30 -20.75
C ARG B 60 10.05 12.79 -20.64
N CYS B 61 10.06 12.30 -19.40
CA CYS B 61 9.99 10.88 -19.08
C CYS B 61 8.76 10.67 -18.22
N ILE B 62 7.81 9.87 -18.72
CA ILE B 62 6.57 9.54 -18.02
C ILE B 62 6.56 8.03 -17.80
N ALA B 63 6.46 7.61 -16.55
CA ALA B 63 6.51 6.18 -16.25
C ALA B 63 5.41 5.79 -15.27
N PRO B 64 4.26 5.34 -15.77
CA PRO B 64 3.16 4.97 -14.89
C PRO B 64 3.31 3.60 -14.25
N ASP B 65 2.71 3.47 -13.09
CA ASP B 65 2.45 2.17 -12.49
C ASP B 65 1.14 1.63 -13.03
N LEU B 66 1.17 0.44 -13.65
CA LEU B 66 -0.07 -0.18 -14.12
C LEU B 66 -1.09 -0.26 -12.98
N ILE B 67 -2.37 -0.22 -13.37
CA ILE B 67 -3.45 -0.34 -12.39
C ILE B 67 -3.27 -1.63 -11.58
N GLY B 68 -3.40 -1.50 -10.26
CA GLY B 68 -3.21 -2.65 -9.39
C GLY B 68 -1.76 -2.94 -9.06
N MET B 69 -0.83 -2.13 -9.54
CA MET B 69 0.58 -2.39 -9.28
C MET B 69 1.25 -1.08 -8.85
N GLY B 70 2.48 -1.22 -8.35
CA GLY B 70 3.24 -0.08 -7.85
C GLY B 70 2.46 0.69 -6.81
N LYS B 71 2.40 2.00 -7.00
CA LYS B 71 1.69 2.93 -6.12
C LYS B 71 0.31 3.32 -6.66
N SER B 72 -0.14 2.64 -7.72
CA SER B 72 -1.47 2.85 -8.26
C SER B 72 -2.52 2.17 -7.39
N ASP B 73 -3.75 2.68 -7.51
CA ASP B 73 -4.88 2.09 -6.78
C ASP B 73 -5.13 0.64 -7.20
N LYS B 74 -5.94 -0.03 -6.39
CA LYS B 74 -6.22 -1.46 -6.53
C LYS B 74 -7.72 -1.72 -6.62
N PRO B 75 -8.34 -1.38 -7.76
CA PRO B 75 -9.78 -1.66 -7.91
C PRO B 75 -10.07 -3.14 -7.99
N ASP B 76 -11.36 -3.47 -7.81
CA ASP B 76 -11.78 -4.87 -7.76
C ASP B 76 -12.04 -5.34 -9.19
N LEU B 77 -10.95 -5.72 -9.86
CA LEU B 77 -10.96 -6.25 -11.22
C LEU B 77 -10.33 -7.62 -11.26
N GLY B 78 -10.54 -8.26 -12.42
CA GLY B 78 -9.85 -9.47 -12.82
C GLY B 78 -8.44 -9.24 -13.30
N TYR B 79 -8.14 -7.99 -13.71
CA TYR B 79 -6.81 -7.60 -14.16
C TYR B 79 -6.41 -8.38 -15.40
N PHE B 80 -7.39 -8.61 -16.28
CA PHE B 80 -7.07 -9.15 -17.59
C PHE B 80 -6.25 -8.11 -18.37
N PHE B 81 -5.66 -8.57 -19.47
CA PHE B 81 -4.99 -7.63 -20.36
C PHE B 81 -5.96 -6.53 -20.80
N ASP B 82 -7.21 -6.88 -21.10
CA ASP B 82 -8.19 -5.86 -21.49
C ASP B 82 -8.36 -4.80 -20.40
N ASP B 83 -8.33 -5.19 -19.14
CA ASP B 83 -8.45 -4.18 -18.07
C ASP B 83 -7.30 -3.19 -18.13
N HIS B 84 -6.08 -3.71 -18.29
CA HIS B 84 -4.89 -2.86 -18.41
C HIS B 84 -4.97 -1.96 -19.64
N VAL B 85 -5.48 -2.48 -20.77
CA VAL B 85 -5.66 -1.66 -21.97
C VAL B 85 -6.57 -0.48 -21.66
N ARG B 86 -7.69 -0.75 -21.02
CA ARG B 86 -8.65 0.31 -20.67
C ARG B 86 -7.99 1.39 -19.81
N PHE B 87 -7.28 0.98 -18.77
CA PHE B 87 -6.68 1.98 -17.89
C PHE B 87 -5.54 2.70 -18.57
N MET B 88 -4.75 2.00 -19.37
CA MET B 88 -3.60 2.72 -19.91
C MET B 88 -4.04 3.61 -21.08
N ASP B 89 -5.08 3.23 -21.83
CA ASP B 89 -5.70 4.16 -22.77
C ASP B 89 -6.12 5.43 -22.05
N ALA B 90 -6.79 5.27 -20.91
CA ALA B 90 -7.34 6.39 -20.16
C ALA B 90 -6.23 7.22 -19.51
N PHE B 91 -5.18 6.57 -19.02
CA PHE B 91 -4.03 7.31 -18.47
C PHE B 91 -3.44 8.26 -19.51
N ILE B 92 -3.22 7.75 -20.72
CA ILE B 92 -2.59 8.55 -21.76
C ILE B 92 -3.44 9.77 -22.07
N GLU B 93 -4.75 9.57 -22.17
CA GLU B 93 -5.64 10.68 -22.48
C GLU B 93 -5.70 11.68 -21.32
N ALA B 94 -5.68 11.18 -20.08
CA ALA B 94 -5.74 12.06 -18.90
C ALA B 94 -4.53 12.98 -18.86
N LEU B 95 -3.40 12.54 -19.37
CA LEU B 95 -2.19 13.35 -19.42
C LEU B 95 -2.15 14.27 -20.63
N GLY B 96 -3.12 14.14 -21.54
CA GLY B 96 -3.22 14.98 -22.72
C GLY B 96 -2.10 14.78 -23.71
N LEU B 97 -1.54 13.57 -23.80
CA LEU B 97 -0.43 13.29 -24.68
C LEU B 97 -0.94 13.18 -26.12
N GLU B 98 -0.16 13.74 -27.05
CA GLU B 98 -0.50 13.69 -28.46
C GLU B 98 0.43 12.69 -29.08
N GLU B 99 1.60 13.09 -29.59
CA GLU B 99 2.60 12.12 -30.04
C GLU B 99 3.50 11.71 -28.89
N VAL B 100 3.95 10.46 -28.94
CA VAL B 100 4.78 9.88 -27.88
C VAL B 100 5.87 9.02 -28.51
N VAL B 101 6.94 8.84 -27.75
CA VAL B 101 7.90 7.76 -27.98
C VAL B 101 7.67 6.75 -26.87
N LEU B 102 7.65 5.46 -27.21
CA LEU B 102 7.36 4.41 -26.25
C LEU B 102 8.64 3.68 -25.84
N VAL B 103 8.78 3.40 -24.54
CA VAL B 103 9.85 2.50 -24.06
C VAL B 103 9.17 1.43 -23.24
N ILE B 104 9.23 0.17 -23.70
CA ILE B 104 8.29 -0.84 -23.24
C ILE B 104 9.00 -2.17 -23.00
N HIS B 105 8.42 -2.94 -22.08
CA HIS B 105 9.01 -4.17 -21.58
C HIS B 105 7.89 -5.12 -21.11
N ASP B 106 8.00 -6.42 -21.48
CA ASP B 106 7.08 -7.46 -20.91
C ASP B 106 5.64 -7.04 -21.18
N TRP B 107 4.72 -7.12 -20.22
CA TRP B 107 3.32 -6.78 -20.52
C TRP B 107 3.16 -5.31 -20.89
N GLY B 108 4.05 -4.44 -20.46
CA GLY B 108 4.01 -3.07 -20.92
C GLY B 108 4.25 -2.93 -22.41
N SER B 109 4.95 -3.92 -23.01
CA SER B 109 5.17 -3.91 -24.46
C SER B 109 3.92 -4.36 -25.19
N ALA B 110 3.15 -5.28 -24.62
CA ALA B 110 1.85 -5.60 -25.19
C ALA B 110 0.94 -4.39 -25.15
N LEU B 111 0.96 -3.61 -24.04
CA LEU B 111 0.16 -2.38 -24.01
C LEU B 111 0.66 -1.37 -25.04
N GLY B 112 1.98 -1.20 -25.16
CA GLY B 112 2.52 -0.20 -26.07
C GLY B 112 2.30 -0.54 -27.54
N PHE B 113 2.60 -1.78 -27.93
CA PHE B 113 2.42 -2.20 -29.32
C PHE B 113 0.95 -2.14 -29.72
N HIS B 114 0.05 -2.57 -28.83
CA HIS B 114 -1.37 -2.56 -29.14
C HIS B 114 -1.94 -1.15 -29.23
N TRP B 115 -1.44 -0.22 -28.40
CA TRP B 115 -1.83 1.18 -28.57
C TRP B 115 -1.27 1.75 -29.86
N ALA B 116 -0.04 1.40 -30.22
CA ALA B 116 0.59 1.95 -31.42
C ALA B 116 -0.14 1.50 -32.67
N LYS B 117 -0.47 0.21 -32.76
CA LYS B 117 -1.29 -0.31 -33.85
C LYS B 117 -2.56 0.51 -34.02
N ARG B 118 -3.26 0.78 -32.92
CA ARG B 118 -4.50 1.53 -32.95
C ARG B 118 -4.29 3.04 -33.11
N ASN B 119 -3.07 3.55 -32.89
CA ASN B 119 -2.78 4.97 -32.92
C ASN B 119 -1.46 5.24 -33.65
N PRO B 120 -1.27 4.65 -34.83
CA PRO B 120 0.09 4.68 -35.42
C PRO B 120 0.60 6.09 -35.72
N GLU B 121 -0.30 7.04 -35.98
CA GLU B 121 0.14 8.41 -36.26
C GLU B 121 0.75 9.07 -35.02
N ARG B 122 0.50 8.54 -33.83
CA ARG B 122 0.96 9.20 -32.60
C ARG B 122 2.23 8.58 -32.02
N VAL B 123 2.79 7.56 -32.66
CA VAL B 123 4.00 6.91 -32.17
C VAL B 123 5.18 7.31 -33.07
N LYS B 124 6.16 8.00 -32.47
CA LYS B 124 7.32 8.52 -33.19
C LYS B 124 8.54 7.62 -33.08
N GLY B 125 8.52 6.66 -32.16
CA GLY B 125 9.55 5.63 -32.08
C GLY B 125 9.13 4.64 -31.00
N ILE B 126 9.74 3.45 -31.06
CA ILE B 126 9.49 2.41 -30.07
C ILE B 126 10.82 1.74 -29.72
N ALA B 127 11.25 1.87 -28.47
CA ALA B 127 12.34 1.06 -27.93
C ALA B 127 11.71 -0.05 -27.10
N PHE B 128 12.12 -1.31 -27.34
CA PHE B 128 11.48 -2.42 -26.66
C PHE B 128 12.51 -3.49 -26.34
N MET B 129 12.10 -4.40 -25.45
CA MET B 129 13.02 -5.33 -24.82
C MET B 129 12.16 -6.39 -24.13
N GLU B 130 12.54 -7.66 -24.29
CA GLU B 130 11.89 -8.78 -23.58
C GLU B 130 10.37 -8.61 -23.62
N PHE B 131 9.87 -8.57 -24.84
CA PHE B 131 8.52 -8.12 -25.12
C PHE B 131 7.59 -9.30 -25.39
N ILE B 132 6.29 -9.05 -25.36
CA ILE B 132 5.31 -10.12 -25.60
C ILE B 132 5.20 -10.37 -27.09
N ARG B 133 5.56 -11.58 -27.52
CA ARG B 133 5.33 -12.10 -28.86
C ARG B 133 4.59 -13.43 -28.72
N PRO B 134 3.99 -13.94 -29.79
CA PRO B 134 3.38 -15.28 -29.71
C PRO B 134 4.47 -16.33 -29.53
N ILE B 135 4.36 -17.12 -28.47
CA ILE B 135 5.34 -18.18 -28.26
C ILE B 135 4.68 -19.42 -28.85
N PRO B 136 5.12 -19.88 -30.03
CA PRO B 136 4.38 -20.96 -30.71
C PRO B 136 4.25 -22.25 -29.93
N THR B 137 5.32 -22.71 -29.29
CA THR B 137 5.29 -23.93 -28.52
C THR B 137 6.06 -23.74 -27.21
N TRP B 138 5.77 -24.62 -26.26
CA TRP B 138 6.44 -24.54 -24.96
C TRP B 138 7.91 -24.88 -25.08
N ASP B 139 8.35 -25.51 -26.18
CA ASP B 139 9.78 -25.80 -26.32
C ASP B 139 10.63 -24.55 -26.51
N GLU B 140 10.03 -23.40 -26.81
CA GLU B 140 10.76 -22.15 -26.92
C GLU B 140 10.81 -21.41 -25.59
N TRP B 141 10.09 -21.89 -24.57
CA TRP B 141 10.11 -21.27 -23.24
C TRP B 141 11.35 -21.74 -22.47
N PRO B 142 11.96 -20.90 -21.63
CA PRO B 142 13.16 -21.31 -20.91
C PRO B 142 12.98 -22.65 -20.18
N GLU B 143 14.04 -23.44 -20.25
CA GLU B 143 13.99 -24.86 -19.89
C GLU B 143 13.62 -25.09 -18.42
N PHE B 144 14.05 -24.21 -17.53
CA PHE B 144 13.81 -24.40 -16.11
C PHE B 144 12.67 -23.55 -15.58
N ALA B 145 11.80 -23.07 -16.46
CA ALA B 145 10.63 -22.32 -16.03
C ALA B 145 9.40 -22.79 -16.79
N ARG B 146 9.53 -23.91 -17.53
CA ARG B 146 8.43 -24.40 -18.36
C ARG B 146 7.34 -25.06 -17.52
N GLU B 147 7.69 -26.08 -16.73
CA GLU B 147 6.70 -26.70 -15.85
C GLU B 147 6.17 -25.67 -14.86
N THR B 148 7.01 -24.71 -14.51
CA THR B 148 6.61 -23.69 -13.53
C THR B 148 5.52 -22.81 -14.12
N PHE B 149 5.74 -22.28 -15.32
CA PHE B 149 4.70 -21.44 -15.90
C PHE B 149 3.46 -22.25 -16.29
N GLN B 150 3.62 -23.52 -16.69
CA GLN B 150 2.43 -24.33 -16.92
C GLN B 150 1.60 -24.46 -15.64
N ALA B 151 2.26 -24.61 -14.49
CA ALA B 151 1.54 -24.63 -13.22
C ALA B 151 0.91 -23.29 -12.88
N PHE B 152 1.62 -22.18 -13.15
CA PHE B 152 1.05 -20.86 -12.95
C PHE B 152 -0.27 -20.74 -13.69
N ARG B 153 -0.38 -21.39 -14.86
CA ARG B 153 -1.57 -21.24 -15.68
C ARG B 153 -2.64 -22.26 -15.30
N THR B 154 -2.88 -22.40 -14.01
CA THR B 154 -3.98 -23.19 -13.48
C THR B 154 -4.66 -22.39 -12.38
N THR B 155 -5.92 -22.74 -12.12
CA THR B 155 -6.70 -22.00 -11.13
C THR B 155 -6.52 -22.52 -9.71
N ASP B 156 -5.98 -23.75 -9.53
CA ASP B 156 -5.75 -24.22 -8.18
C ASP B 156 -4.28 -24.04 -7.84
N VAL B 157 -3.40 -24.87 -8.41
CA VAL B 157 -1.97 -24.80 -8.10
C VAL B 157 -1.40 -23.41 -8.40
N GLY B 158 -1.69 -22.86 -9.58
CA GLY B 158 -1.16 -21.55 -9.93
C GLY B 158 -1.52 -20.48 -8.91
N ARG B 159 -2.75 -20.51 -8.39
CA ARG B 159 -3.14 -19.46 -7.43
C ARG B 159 -2.52 -19.70 -6.04
N LYS B 160 -2.37 -20.96 -5.64
CA LYS B 160 -1.63 -21.28 -4.43
C LYS B 160 -0.21 -20.72 -4.48
N LEU B 161 0.49 -20.93 -5.61
CA LEU B 161 1.85 -20.43 -5.76
C LEU B 161 1.89 -18.90 -5.81
N ILE B 162 1.15 -18.29 -6.74
CA ILE B 162 1.34 -16.87 -7.02
C ILE B 162 0.64 -16.01 -5.97
N ILE B 163 -0.62 -16.36 -5.63
CA ILE B 163 -1.38 -15.53 -4.69
C ILE B 163 -1.02 -15.88 -3.25
N ASP B 164 -1.13 -17.15 -2.87
CA ASP B 164 -0.92 -17.47 -1.47
C ASP B 164 0.55 -17.37 -1.09
N GLN B 165 1.47 -17.80 -1.96
CA GLN B 165 2.88 -17.90 -1.57
C GLN B 165 3.76 -16.85 -2.24
N ASN B 166 3.19 -16.00 -3.07
CA ASN B 166 3.90 -14.86 -3.66
C ASN B 166 5.13 -15.29 -4.48
N VAL B 167 5.05 -16.44 -5.16
CA VAL B 167 6.26 -16.97 -5.79
C VAL B 167 6.70 -16.09 -6.98
N PHE B 168 5.79 -15.35 -7.62
CA PHE B 168 6.23 -14.53 -8.74
C PHE B 168 7.19 -13.46 -8.25
N ILE B 169 6.99 -12.95 -7.04
CA ILE B 169 7.93 -11.97 -6.50
C ILE B 169 9.17 -12.65 -5.91
N GLU B 170 8.98 -13.68 -5.08
CA GLU B 170 10.07 -14.26 -4.32
C GLU B 170 10.93 -15.20 -5.17
N GLY B 171 10.40 -15.67 -6.28
CA GLY B 171 11.04 -16.73 -7.03
C GLY B 171 11.23 -16.33 -8.48
N THR B 172 10.13 -16.01 -9.15
CA THR B 172 10.24 -15.77 -10.58
C THR B 172 11.00 -14.47 -10.88
N LEU B 173 10.75 -13.41 -10.11
CA LEU B 173 11.43 -12.14 -10.35
C LEU B 173 12.94 -12.28 -10.31
N PRO B 174 13.54 -12.86 -9.28
CA PRO B 174 15.01 -12.95 -9.27
C PRO B 174 15.52 -13.87 -10.35
N MET B 175 14.70 -14.83 -10.78
CA MET B 175 15.11 -15.73 -11.86
C MET B 175 15.06 -15.03 -13.21
N GLY B 176 14.55 -13.80 -13.26
CA GLY B 176 14.58 -12.97 -14.45
C GLY B 176 15.71 -11.98 -14.50
N VAL B 177 16.63 -12.04 -13.55
CA VAL B 177 17.76 -11.12 -13.48
C VAL B 177 19.01 -11.97 -13.35
N VAL B 178 20.02 -11.70 -14.19
CA VAL B 178 21.25 -12.49 -14.13
C VAL B 178 22.01 -12.23 -12.84
N ARG B 179 22.21 -10.96 -12.49
CA ARG B 179 22.89 -10.64 -11.25
C ARG B 179 21.95 -10.82 -10.07
N PRO B 180 22.48 -10.89 -8.85
CA PRO B 180 21.60 -11.00 -7.67
C PRO B 180 20.97 -9.65 -7.34
N LEU B 181 19.66 -9.65 -7.11
CA LEU B 181 19.03 -8.43 -6.57
C LEU B 181 19.34 -8.29 -5.09
N THR B 182 19.50 -7.04 -4.62
CA THR B 182 19.76 -6.78 -3.20
C THR B 182 18.47 -6.81 -2.41
N GLU B 183 18.59 -6.93 -1.07
CA GLU B 183 17.40 -6.86 -0.23
C GLU B 183 16.62 -5.57 -0.46
N VAL B 184 17.33 -4.45 -0.57
CA VAL B 184 16.65 -3.18 -0.81
C VAL B 184 15.85 -3.24 -2.11
N GLU B 185 16.43 -3.80 -3.17
CA GLU B 185 15.70 -3.90 -4.44
C GLU B 185 14.50 -4.82 -4.32
N MET B 186 14.70 -6.00 -3.71
CA MET B 186 13.62 -6.95 -3.47
C MET B 186 12.47 -6.30 -2.71
N ASP B 187 12.79 -5.53 -1.66
CA ASP B 187 11.74 -4.87 -0.90
C ASP B 187 10.95 -3.85 -1.73
N HIS B 188 11.63 -3.07 -2.58
CA HIS B 188 10.90 -2.17 -3.48
C HIS B 188 9.93 -2.95 -4.36
N TYR B 189 10.33 -4.13 -4.86
CA TYR B 189 9.41 -4.92 -5.68
C TYR B 189 8.31 -5.58 -4.83
N ARG B 190 8.58 -5.87 -3.57
CA ARG B 190 7.58 -6.47 -2.70
C ARG B 190 6.51 -5.45 -2.30
N GLU B 191 6.86 -4.16 -2.26
CA GLU B 191 6.00 -3.18 -1.59
C GLU B 191 4.52 -3.25 -1.95
N PRO B 192 4.12 -3.50 -3.20
CA PRO B 192 2.68 -3.41 -3.49
C PRO B 192 1.90 -4.66 -3.15
N PHE B 193 2.54 -5.74 -2.72
CA PHE B 193 1.91 -7.06 -2.71
C PHE B 193 2.09 -7.74 -1.36
N LEU B 194 2.19 -6.94 -0.28
CA LEU B 194 2.26 -7.54 1.05
C LEU B 194 1.04 -8.37 1.37
N ASN B 195 -0.12 -7.89 1.00
CA ASN B 195 -1.39 -8.57 1.25
C ASN B 195 -1.74 -9.51 0.09
N PRO B 196 -1.99 -10.80 0.35
CA PRO B 196 -2.38 -11.71 -0.75
C PRO B 196 -3.58 -11.24 -1.57
N VAL B 197 -4.56 -10.55 -0.97
CA VAL B 197 -5.72 -10.14 -1.75
C VAL B 197 -5.37 -9.12 -2.82
N ASP B 198 -4.15 -8.58 -2.79
CA ASP B 198 -3.69 -7.60 -3.77
C ASP B 198 -2.89 -8.25 -4.92
N ARG B 199 -2.85 -9.58 -5.00
CA ARG B 199 -1.93 -10.25 -5.93
C ARG B 199 -2.61 -10.75 -7.21
N GLU B 200 -3.90 -10.49 -7.39
CA GLU B 200 -4.55 -10.95 -8.61
C GLU B 200 -3.79 -10.55 -9.89
N PRO B 201 -3.23 -9.35 -10.05
CA PRO B 201 -2.54 -9.08 -11.34
C PRO B 201 -1.35 -10.00 -11.58
N LEU B 202 -0.67 -10.42 -10.51
CA LEU B 202 0.51 -11.26 -10.64
C LEU B 202 0.15 -12.63 -11.21
N TRP B 203 -1.07 -13.13 -10.92
CA TRP B 203 -1.51 -14.44 -11.40
C TRP B 203 -2.19 -14.35 -12.77
N ARG B 204 -3.00 -13.32 -13.03
CA ARG B 204 -3.70 -13.27 -14.31
C ARG B 204 -2.74 -13.00 -15.47
N PHE B 205 -1.71 -12.15 -15.24
CA PHE B 205 -0.76 -11.84 -16.31
C PHE B 205 -0.18 -13.12 -16.95
N PRO B 206 0.44 -14.03 -16.19
CA PRO B 206 1.01 -15.21 -16.85
C PRO B 206 -0.06 -16.10 -17.47
N ASN B 207 -1.29 -16.08 -16.95
CA ASN B 207 -2.40 -16.77 -17.61
C ASN B 207 -2.85 -16.09 -18.90
N GLU B 208 -2.40 -14.87 -19.14
CA GLU B 208 -2.69 -14.18 -20.40
C GLU B 208 -1.58 -14.35 -21.43
N LEU B 209 -0.42 -14.92 -21.06
CA LEU B 209 0.69 -15.02 -22.00
C LEU B 209 0.28 -15.88 -23.20
N PRO B 210 0.52 -15.43 -24.41
CA PRO B 210 0.17 -16.19 -25.64
C PRO B 210 1.21 -17.26 -25.92
N ILE B 211 1.05 -18.40 -25.24
CA ILE B 211 1.97 -19.53 -25.36
C ILE B 211 1.19 -20.69 -25.94
N ALA B 212 1.73 -21.30 -26.99
CA ALA B 212 1.15 -22.52 -27.54
C ALA B 212 -0.31 -22.32 -27.92
N GLY B 213 -0.61 -21.15 -28.48
CA GLY B 213 -1.90 -20.78 -29.00
C GLY B 213 -2.98 -20.42 -28.00
N GLU B 214 -2.67 -20.32 -26.70
CA GLU B 214 -3.68 -20.02 -25.70
C GLU B 214 -3.18 -18.92 -24.76
N PRO B 215 -4.07 -18.02 -24.31
CA PRO B 215 -5.49 -17.95 -24.63
C PRO B 215 -5.63 -17.42 -26.05
N ALA B 216 -6.53 -18.01 -26.84
CA ALA B 216 -6.60 -17.69 -28.25
C ALA B 216 -6.86 -16.21 -28.51
N ASN B 217 -7.59 -15.52 -27.61
CA ASN B 217 -7.89 -14.11 -27.88
C ASN B 217 -6.64 -13.24 -27.77
N ILE B 218 -5.74 -13.57 -26.83
CA ILE B 218 -4.52 -12.77 -26.71
C ILE B 218 -3.57 -13.12 -27.84
N VAL B 219 -3.53 -14.39 -28.24
CA VAL B 219 -2.69 -14.74 -29.38
C VAL B 219 -3.04 -13.88 -30.57
N ALA B 220 -4.34 -13.72 -30.84
CA ALA B 220 -4.78 -12.95 -32.00
C ALA B 220 -4.39 -11.48 -31.86
N LEU B 221 -4.64 -10.88 -30.69
CA LEU B 221 -4.30 -9.48 -30.52
C LEU B 221 -2.81 -9.25 -30.70
N VAL B 222 -2.00 -10.14 -30.13
CA VAL B 222 -0.54 -10.01 -30.21
C VAL B 222 -0.06 -10.25 -31.66
N GLU B 223 -0.58 -11.29 -32.33
CA GLU B 223 -0.19 -11.50 -33.73
C GLU B 223 -0.51 -10.27 -34.57
N GLU B 224 -1.62 -9.61 -34.25
CA GLU B 224 -2.06 -8.43 -34.98
C GLU B 224 -1.07 -7.27 -34.83
N TYR B 225 -0.59 -6.98 -33.61
CA TYR B 225 0.35 -5.88 -33.56
C TYR B 225 1.74 -6.29 -34.05
N MET B 226 2.07 -7.58 -34.05
CA MET B 226 3.33 -8.00 -34.66
C MET B 226 3.27 -7.83 -36.17
N ASP B 227 2.11 -8.12 -36.76
CA ASP B 227 1.86 -7.81 -38.17
C ASP B 227 2.02 -6.31 -38.43
N TRP B 228 1.41 -5.48 -37.57
CA TRP B 228 1.52 -4.04 -37.74
C TRP B 228 2.96 -3.58 -37.65
N LEU B 229 3.69 -4.06 -36.63
CA LEU B 229 5.10 -3.68 -36.46
C LEU B 229 5.92 -4.03 -37.70
N HIS B 230 5.72 -5.23 -38.23
CA HIS B 230 6.49 -5.64 -39.41
C HIS B 230 6.26 -4.74 -40.61
N GLN B 231 5.13 -4.06 -40.69
CA GLN B 231 4.85 -3.19 -41.82
C GLN B 231 5.06 -1.71 -41.51
N SER B 232 5.28 -1.34 -40.26
CA SER B 232 5.40 0.06 -39.91
C SER B 232 6.84 0.55 -40.13
N PRO B 233 7.01 1.75 -40.68
CA PRO B 233 8.37 2.31 -40.82
C PRO B 233 8.85 3.02 -39.57
N VAL B 234 8.08 3.02 -38.49
CA VAL B 234 8.42 3.78 -37.29
C VAL B 234 9.82 3.37 -36.85
N PRO B 235 10.67 4.31 -36.40
CA PRO B 235 11.97 3.91 -35.85
C PRO B 235 11.77 2.93 -34.69
N LYS B 236 12.65 1.92 -34.65
CA LYS B 236 12.58 0.84 -33.68
C LYS B 236 13.96 0.60 -33.12
N LEU B 237 14.03 0.37 -31.80
CA LEU B 237 15.26 0.05 -31.09
C LEU B 237 14.99 -1.16 -30.20
N LEU B 238 15.66 -2.27 -30.48
CA LEU B 238 15.43 -3.54 -29.80
C LEU B 238 16.65 -3.89 -28.93
N PHE B 239 16.44 -4.03 -27.63
CA PHE B 239 17.46 -4.54 -26.72
C PHE B 239 17.20 -6.02 -26.46
N TRP B 240 18.28 -6.79 -26.40
CA TRP B 240 18.18 -8.22 -26.18
C TRP B 240 19.37 -8.68 -25.35
N GLY B 241 19.22 -9.81 -24.66
CA GLY B 241 20.33 -10.39 -23.95
C GLY B 241 20.36 -11.90 -24.11
N THR B 242 21.39 -12.50 -23.53
CA THR B 242 21.58 -13.96 -23.57
C THR B 242 21.47 -14.53 -22.15
N PRO B 243 20.63 -15.55 -21.93
CA PRO B 243 19.83 -16.28 -22.92
C PRO B 243 18.50 -15.60 -23.22
N GLY B 244 18.05 -14.55 -22.49
CA GLY B 244 16.70 -14.06 -22.69
C GLY B 244 15.66 -14.97 -22.02
N VAL B 245 14.40 -14.54 -22.11
CA VAL B 245 13.29 -15.32 -21.56
C VAL B 245 12.17 -15.37 -22.58
N LEU B 246 11.56 -14.21 -22.83
CA LEU B 246 10.55 -14.10 -23.87
C LEU B 246 11.19 -14.05 -25.25
N ILE B 247 12.43 -13.57 -25.36
CA ILE B 247 13.05 -13.31 -26.67
C ILE B 247 14.41 -14.01 -26.70
N PRO B 248 14.51 -15.22 -27.23
CA PRO B 248 15.84 -15.83 -27.40
C PRO B 248 16.67 -15.04 -28.40
N PRO B 249 17.99 -15.09 -28.27
CA PRO B 249 18.86 -14.35 -29.19
C PRO B 249 18.59 -14.60 -30.67
N ALA B 250 18.34 -15.85 -31.08
CA ALA B 250 18.03 -16.11 -32.48
C ALA B 250 16.78 -15.38 -32.92
N GLU B 251 15.83 -15.15 -32.00
CA GLU B 251 14.62 -14.43 -32.36
C GLU B 251 14.87 -12.94 -32.47
N ALA B 252 15.69 -12.40 -31.55
CA ALA B 252 16.07 -11.01 -31.64
C ALA B 252 16.81 -10.74 -32.96
N ALA B 253 17.68 -11.67 -33.36
CA ALA B 253 18.42 -11.51 -34.60
C ALA B 253 17.48 -11.55 -35.81
N ARG B 254 16.54 -12.48 -35.80
CA ARG B 254 15.52 -12.51 -36.85
C ARG B 254 14.77 -11.20 -36.92
N LEU B 255 14.32 -10.68 -35.77
CA LEU B 255 13.54 -9.44 -35.79
C LEU B 255 14.36 -8.24 -36.19
N ALA B 256 15.64 -8.21 -35.79
CA ALA B 256 16.51 -7.12 -36.19
C ALA B 256 16.51 -6.93 -37.71
N LYS B 257 16.37 -8.01 -38.46
CA LYS B 257 16.33 -7.94 -39.92
C LYS B 257 14.92 -7.74 -40.48
N SER B 258 13.93 -8.44 -39.93
CA SER B 258 12.59 -8.41 -40.51
C SER B 258 11.80 -7.15 -40.16
N LEU B 259 12.11 -6.47 -39.02
CA LEU B 259 11.37 -5.25 -38.75
C LEU B 259 12.03 -4.08 -39.46
N PRO B 260 11.27 -3.25 -40.17
CA PRO B 260 11.85 -2.06 -40.79
C PRO B 260 12.44 -1.08 -39.79
N ASN B 261 13.50 -0.41 -40.21
CA ASN B 261 14.03 0.73 -39.46
CA ASN B 261 14.08 0.72 -39.46
C ASN B 261 14.33 0.33 -38.01
N CYS B 262 14.98 -0.80 -37.83
CA CYS B 262 15.22 -1.37 -36.51
C CYS B 262 16.71 -1.46 -36.25
N LYS B 263 17.15 -0.87 -35.14
CA LYS B 263 18.48 -1.05 -34.60
C LYS B 263 18.34 -1.99 -33.40
N ALA B 264 19.22 -2.99 -33.32
CA ALA B 264 19.23 -3.92 -32.19
C ALA B 264 20.52 -3.78 -31.40
N VAL B 265 20.40 -3.88 -30.08
CA VAL B 265 21.53 -3.73 -29.17
C VAL B 265 21.62 -4.95 -28.25
N ASP B 266 22.80 -5.58 -28.23
CA ASP B 266 23.12 -6.71 -27.36
C ASP B 266 23.55 -6.14 -26.00
N ILE B 267 22.80 -6.45 -24.93
CA ILE B 267 23.16 -5.89 -23.62
C ILE B 267 24.10 -6.81 -22.88
N GLY B 268 24.43 -7.96 -23.44
CA GLY B 268 25.24 -8.92 -22.73
C GLY B 268 24.34 -9.94 -22.05
N PRO B 269 24.78 -10.48 -20.92
CA PRO B 269 23.95 -11.45 -20.20
C PRO B 269 22.64 -10.82 -19.77
N GLY B 270 21.56 -11.54 -20.01
CA GLY B 270 20.25 -11.03 -19.61
C GLY B 270 19.17 -12.08 -19.70
N LEU B 271 18.18 -11.97 -18.79
CA LEU B 271 17.07 -12.91 -18.73
C LEU B 271 15.81 -12.14 -19.11
N ASN B 272 14.98 -11.70 -18.16
CA ASN B 272 13.80 -10.91 -18.55
C ASN B 272 13.94 -9.43 -18.19
N LEU B 273 14.39 -9.11 -16.99
CA LEU B 273 14.50 -7.71 -16.57
C LEU B 273 15.86 -7.16 -16.99
N LEU B 274 16.00 -6.93 -18.32
CA LEU B 274 17.28 -6.47 -18.83
C LEU B 274 17.70 -5.15 -18.19
N GLN B 275 16.74 -4.31 -17.82
CA GLN B 275 17.04 -3.07 -17.11
C GLN B 275 17.87 -3.29 -15.86
N GLU B 276 17.69 -4.42 -15.18
CA GLU B 276 18.42 -4.66 -13.95
C GLU B 276 19.84 -5.16 -14.20
N ASP B 277 20.12 -5.72 -15.38
CA ASP B 277 21.47 -6.20 -15.67
C ASP B 277 22.37 -5.17 -16.36
N ASN B 278 21.85 -4.34 -17.26
CA ASN B 278 22.67 -3.32 -17.94
C ASN B 278 21.86 -2.05 -18.17
N PRO B 279 21.49 -1.36 -17.09
CA PRO B 279 20.71 -0.12 -17.24
C PRO B 279 21.49 0.97 -17.93
N ASP B 280 22.81 1.04 -17.71
CA ASP B 280 23.62 2.11 -18.28
C ASP B 280 23.67 2.01 -19.80
N LEU B 281 23.82 0.80 -20.33
CA LEU B 281 23.80 0.67 -21.78
C LEU B 281 22.41 0.98 -22.32
N ILE B 282 21.36 0.47 -21.66
CA ILE B 282 20.03 0.69 -22.20
C ILE B 282 19.68 2.18 -22.15
N GLY B 283 19.88 2.83 -21.00
CA GLY B 283 19.59 4.25 -20.93
C GLY B 283 20.42 5.08 -21.89
N SER B 284 21.72 4.83 -21.93
CA SER B 284 22.55 5.65 -22.80
C SER B 284 22.20 5.45 -24.28
N GLU B 285 21.90 4.22 -24.69
CA GLU B 285 21.55 3.99 -26.10
C GLU B 285 20.19 4.58 -26.44
N ILE B 286 19.23 4.56 -25.52
CA ILE B 286 17.95 5.20 -25.80
C ILE B 286 18.15 6.70 -25.98
N ALA B 287 18.95 7.32 -25.11
CA ALA B 287 19.19 8.76 -25.24
C ALA B 287 19.82 9.09 -26.60
N ARG B 288 20.83 8.31 -27.01
N ARG B 288 20.84 8.32 -26.99
CA ARG B 288 21.46 8.52 -28.31
CA ARG B 288 21.46 8.52 -28.30
C ARG B 288 20.47 8.32 -29.44
C ARG B 288 20.45 8.33 -29.43
N TRP B 289 19.70 7.24 -29.38
CA TRP B 289 18.72 6.95 -30.44
C TRP B 289 17.67 8.04 -30.56
N LEU B 290 17.21 8.58 -29.41
CA LEU B 290 16.24 9.67 -29.46
C LEU B 290 16.80 10.88 -30.19
N SER B 291 18.10 11.16 -30.00
CA SER B 291 18.69 12.33 -30.64
C SER B 291 18.67 12.21 -32.15
N THR B 292 18.81 11.00 -32.67
CA THR B 292 18.79 10.70 -34.10
C THR B 292 17.39 10.63 -34.68
N LEU B 293 16.35 10.79 -33.87
CA LEU B 293 14.99 10.86 -34.36
C LEU B 293 14.71 12.35 -34.66
C1 GOL C . 11.58 -8.71 5.79
O1 GOL C . 10.19 -8.84 6.20
C2 GOL C . 11.77 -7.40 5.03
O2 GOL C . 13.02 -7.25 4.43
C3 GOL C . 11.58 -6.34 6.14
O3 GOL C . 10.75 -5.35 5.64
H11 GOL C . 12.18 -8.71 6.55
H12 GOL C . 11.87 -9.44 5.23
HO1 GOL C . 9.77 -8.16 5.87
H2 GOL C . 11.15 -7.34 4.30
HO2 GOL C . 13.01 -6.50 4.02
H31 GOL C . 11.21 -6.79 6.92
H32 GOL C . 12.45 -6.01 6.40
HO3 GOL C . 9.95 -5.65 5.69
C02 ILQ D . 10.79 0.20 26.65
C04 ILQ D . 9.01 1.80 25.94
C05 ILQ D . 8.48 1.40 24.58
C07 ILQ D . 6.38 0.43 25.11
C08 ILQ D . 5.03 0.83 25.70
C10 ILQ D . 3.81 1.02 23.79
C11 ILQ D . 2.83 1.96 23.12
C12 ILQ D . 2.16 2.99 24.02
C13 ILQ D . 1.20 3.81 23.16
C14 ILQ D . 0.59 5.04 23.87
C15 ILQ D . -0.54 5.60 23.01
C16 ILQ D . 12.26 -0.09 26.77
C17 ILQ D . 12.71 -0.91 27.83
C18 ILQ D . 14.06 -1.18 27.95
C19 ILQ D . 14.93 -0.66 27.00
C20 ILQ D . 16.47 -0.74 26.88
C22 ILQ D . 18.12 0.18 25.32
C25 ILQ D . 14.46 0.17 25.93
C26 ILQ D . 15.66 0.57 25.10
C27 ILQ D . 15.78 2.23 25.05
C28 ILQ D . 16.18 2.69 26.30
C29 ILQ D . 16.34 4.04 26.44
C30 ILQ D . 16.04 4.88 25.38
C32 ILQ D . 15.45 7.16 24.55
C33 ILQ D . 15.61 4.37 24.15
C34 ILQ D . 15.45 3.01 23.98
C36 ILQ D . 15.90 3.13 21.01
C37 ILQ D . 13.07 2.67 22.21
C38 ILQ D . 15.49 -0.11 23.62
C39 ILQ D . 15.17 0.58 22.45
C40 ILQ D . 15.08 -0.16 21.25
C41 ILQ D . 15.28 -1.56 21.26
C43 ILQ D . 15.59 -2.22 22.47
C44 ILQ D . 15.69 -1.50 23.67
C45 ILQ D . 13.13 0.46 25.81
N03 ILQ D . 10.41 1.46 26.08
N21 ILQ D . 16.75 0.04 25.73
N23 ILQ D . 19.23 0.39 25.10
N31 ILQ D . 16.17 6.33 25.50
N42 ILQ D . 15.16 -2.29 20.00
O01 ILQ D . 10.00 -0.61 27.00
O06 ILQ D . 7.09 1.56 24.64
O09 ILQ D . 4.35 1.73 24.85
O24 ILQ D . 17.22 -1.34 27.59
SI35 ILQ D . 14.91 2.36 22.40
H042 ILQ D . 8.45 1.28 26.71
H041 ILQ D . 8.90 2.87 26.06
H052 ILQ D . 8.89 2.03 23.80
H051 ILQ D . 8.72 0.36 24.37
H071 ILQ D . 6.22 -0.25 24.29
H072 ILQ D . 6.97 -0.05 25.89
H081 ILQ D . 4.42 -0.05 25.83
H082 ILQ D . 5.19 1.32 26.66
H102 ILQ D . 4.58 0.72 23.11
H101 ILQ D . 3.29 0.15 24.16
H112 ILQ D . 3.37 2.51 22.33
H111 ILQ D . 2.06 1.37 22.65
H122 ILQ D . 1.62 2.49 24.81
H121 ILQ D . 2.91 3.64 24.46
H131 ILQ D . 1.74 4.17 22.29
H132 ILQ D . 0.39 3.17 22.83
H141 ILQ D . 0.19 4.74 24.84
H142 ILQ D . 1.35 5.79 24.03
H152 ILQ D . -0.26 5.39 21.99
H153 ILQ D . -0.60 6.68 23.13
H171 ILQ D . 12.00 -1.31 28.54
H181 ILQ D . 14.43 -1.80 28.76
H281 ILQ D . 16.36 2.01 27.12
H291 ILQ D . 16.70 4.46 27.37
H323 ILQ D . 16.15 7.77 23.99
H322 ILQ D . 14.90 6.52 23.86
H321 ILQ D . 14.75 7.79 25.09
H331 ILQ D . 15.40 5.06 23.34
H362 ILQ D . 15.29 3.89 20.52
H363 ILQ D . 16.17 2.36 20.30
H361 ILQ D . 16.79 3.60 21.42
H372 ILQ D . 12.90 3.72 21.99
H373 ILQ D . 12.56 2.40 23.13
H371 ILQ D . 12.68 2.07 21.39
H401 ILQ D . 14.85 0.35 20.31
H431 ILQ D . 15.76 -3.29 22.47
H441 ILQ D . 15.91 -2.00 24.60
H451 ILQ D . 12.75 1.07 24.99
H031 ILQ D . 11.11 2.10 25.78
H311 ILQ D . 16.76 6.75 26.21
H421 ILQ D . 14.91 -1.81 19.16
H422 ILQ D . 15.32 -3.27 19.98
CL CL E . 1.96 8.18 21.55
C1 GOL F . 8.36 -3.50 1.85
O1 GOL F . 9.57 -2.91 2.26
C2 GOL F . 8.49 -5.03 1.94
O2 GOL F . 9.40 -5.43 2.92
C3 GOL F . 7.06 -5.51 2.31
O3 GOL F . 6.24 -5.46 1.16
H11 GOL F . 8.12 -3.25 0.94
H12 GOL F . 7.60 -3.21 2.40
HO1 GOL F . 10.07 -2.85 1.57
H2 GOL F . 8.81 -5.39 1.09
HO2 GOL F . 9.36 -4.86 3.55
H31 GOL F . 6.74 -4.94 3.02
H32 GOL F . 7.13 -6.40 2.69
HO3 GOL F . 6.75 -5.24 0.50
C01 ILU G . 17.79 -22.02 -21.64
C02 ILU G . 19.33 -20.84 -19.98
C03 ILU G . 18.10 -21.41 -20.28
C04 ILU G . 19.48 -20.27 -18.73
C05 ILU G . 17.06 -21.40 -19.38
C06 ILU G . 16.80 -21.22 -22.43
C07 ILU G . 16.59 -19.91 -22.05
C08 ILU G . 16.05 -21.71 -23.49
C09 ILU G . 15.65 -19.11 -22.72
C10 ILU G . 15.14 -20.93 -24.15
C11 ILU G . 14.93 -19.61 -23.80
C12 ILU G . 17.98 -23.50 -21.73
C13 ILU G . 18.77 -24.14 -20.78
C14 ILU G . 17.45 -24.28 -22.75
C15 ILU G . 18.97 -25.52 -20.84
C16 ILU G . 17.66 -25.64 -22.80
C17 ILU G . 18.43 -26.28 -21.85
C18 ILU G . 14.27 -17.40 -24.75
C19 ILU G . 14.72 -24.49 -24.19
C20 ILU G . 17.25 -23.43 -25.74
C21 ILU G . 20.50 -20.85 -21.03
C22 ILU G . 18.43 -20.26 -17.81
C23 ILU G . 17.22 -20.86 -18.11
C24 ILU G . 16.01 -20.83 -17.20
C25 ILU G . 14.77 -19.83 -15.25
C26 ILU G . 14.13 -18.49 -15.64
C27 ILU G . 11.96 -17.48 -14.96
C28 ILU G . 12.05 -16.15 -15.69
C29 ILU G . 11.21 -14.01 -15.46
C30 ILU G . 9.94 -13.17 -15.50
C31 ILU G . 9.22 -13.36 -16.84
C32 ILU G . 8.16 -12.30 -17.05
C33 ILU G . 7.37 -12.53 -18.33
C34 ILU G . 6.71 -11.19 -18.63
C35 ILU G . 22.46 -20.04 -19.54
N01 ILU G . 18.65 -27.72 -21.94
N02 ILU G . 13.97 -18.79 -24.48
N03 ILU G . 15.97 -19.94 -16.07
N04 ILU G . 21.88 -20.48 -20.81
N05 ILU G . 22.96 -19.66 -18.46
O01 ILU G . 20.28 -21.17 -22.16
O02 ILU G . 15.05 -21.49 -17.46
O03 ILU G . 12.73 -18.49 -15.53
O04 ILU G . 10.91 -15.39 -15.47
SI01 ILU G . 16.33 -23.51 -24.08
H01 ILU G . 20.42 -19.82 -18.45
H02 ILU G . 16.10 -21.82 -19.65
H03 ILU G . 17.14 -19.49 -21.22
H04 ILU G . 15.49 -18.10 -22.39
H05 ILU G . 14.56 -21.36 -24.97
H06 ILU G . 19.21 -23.55 -19.97
H07 ILU G . 19.57 -25.99 -20.07
H08 ILU G . 17.21 -26.21 -23.60
H11 ILU G . 13.52 -16.99 -25.41
H09 ILU G . 15.25 -17.34 -25.22
H10 ILU G . 14.28 -16.85 -23.82
H14 ILU G . 13.88 -23.80 -24.25
H15 ILU G . 14.62 -25.12 -23.31
H16 ILU G . 14.74 -25.12 -25.08
H18 ILU G . 17.19 -22.42 -26.14
H17 ILU G . 16.79 -24.12 -26.44
H19 ILU G . 18.29 -23.70 -25.59
H21 ILU G . 18.57 -19.78 -16.85
H24 ILU G . 14.09 -20.64 -15.47
H23 ILU G . 15.01 -19.84 -14.20
H26 ILU G . 14.53 -17.72 -14.99
H25 ILU G . 14.39 -18.26 -16.67
H27 ILU G . 10.92 -17.80 -14.95
H28 ILU G . 12.30 -17.33 -13.94
H29 ILU G . 12.93 -15.61 -15.34
H30 ILU G . 12.16 -16.34 -16.75
H31 ILU G . 11.75 -13.77 -14.55
H32 ILU G . 11.82 -13.78 -16.33
H33 ILU G . 9.28 -13.47 -14.70
H34 ILU G . 10.20 -12.13 -15.39
H36 ILU G . 9.95 -13.30 -17.64
H35 ILU G . 8.75 -14.34 -16.84
H37 ILU G . 7.48 -12.32 -16.21
H38 ILU G . 8.64 -11.33 -17.10
H40 ILU G . 8.04 -12.82 -19.14
H39 ILU G . 6.63 -13.31 -18.19
H41 ILU G . 6.29 -10.84 -17.68
H42 ILU G . 5.90 -11.35 -19.33
H12 ILU G . 18.19 -28.26 -22.66
H13 ILU G . 19.26 -28.18 -21.29
H20 ILU G . 13.09 -19.18 -24.76
H22 ILU G . 16.78 -19.38 -15.84
H43 ILU G . 22.50 -20.54 -21.59
CL CL H . 3.60 -12.78 -16.94
#